data_8EVO
#
_entry.id   8EVO
#
_cell.length_a   65.040
_cell.length_b   129.006
_cell.length_c   138.355
_cell.angle_alpha   90.000
_cell.angle_beta   90.000
_cell.angle_gamma   90.000
#
_symmetry.space_group_name_H-M   'P 21 21 21'
#
loop_
_entity.id
_entity.type
_entity.pdbx_description
1 polymer 'Alpha-ketoglutarate-dependent sulfate ester dioxygenase'
2 non-polymer 'NICKEL (II) ION'
3 non-polymer N-[(1-CHLORO-4-HYDROXYISOQUINOLIN-3-YL)CARBONYL]GLYCINE
4 water water
#
_entity_poly.entity_id   1
_entity_poly.type   'polypeptide(L)'
_entity_poly.pdbx_seq_one_letter_code
;GSHMTDLITVKKLGSRIGAQIDGVRLGGDLDPAAVNEIRAALLAHKVVFFRGQHQLDDAEQLAFAGLLGTPIGHPAAIAL
ADDAPIITPINSEFGKANRWHTDVTFAANYPAASVLRAVSLPSYGGSTLWANTAAAYAELPEPLKCLTENLWALHTNRYD
YVTTKPLTAAQRAFRQVFEKPDFRTEHPVVRVHPETGERTLLAGDFVRSFVGLDSHESRVLFEVLQRRITMPENTIRWNW
APGDVAIWDNRATQHRAIDDYDDQHRLMHRVTLMGDVPVDVYGQASRVISGAPMEIAG
;
_entity_poly.pdbx_strand_id   A,B,C,D
#
# COMPACT_ATOMS: atom_id res chain seq x y z
N ILE A 8 44.10 19.61 -3.86
CA ILE A 8 42.80 19.36 -3.16
C ILE A 8 42.41 17.89 -3.36
N THR A 9 42.07 17.21 -2.26
CA THR A 9 41.73 15.80 -2.28
C THR A 9 40.28 15.62 -1.85
N VAL A 10 39.59 14.70 -2.53
CA VAL A 10 38.18 14.44 -2.29
C VAL A 10 38.00 12.93 -2.09
N LYS A 11 37.35 12.56 -0.98
CA LYS A 11 37.21 11.18 -0.57
C LYS A 11 35.74 10.77 -0.64
N LYS A 12 35.45 9.70 -1.40
CA LYS A 12 34.12 9.10 -1.43
C LYS A 12 33.77 8.54 -0.04
N LEU A 13 32.48 8.66 0.32
CA LEU A 13 31.96 8.15 1.57
C LEU A 13 31.10 6.91 1.32
N GLY A 14 30.31 6.94 0.23
CA GLY A 14 29.54 5.78 -0.20
C GLY A 14 29.55 5.65 -1.72
N SER A 15 29.10 4.49 -2.23
CA SER A 15 29.23 4.16 -3.64
C SER A 15 28.30 5.03 -4.49
N ARG A 16 27.14 5.42 -3.94
CA ARG A 16 26.14 6.14 -4.71
C ARG A 16 26.06 7.61 -4.29
N ILE A 17 26.62 7.98 -3.12
CA ILE A 17 26.51 9.35 -2.68
C ILE A 17 27.61 9.65 -1.65
N GLY A 18 27.96 10.94 -1.55
CA GLY A 18 28.71 11.49 -0.45
C GLY A 18 30.21 11.57 -0.75
N ALA A 19 30.82 12.70 -0.36
CA ALA A 19 32.27 12.87 -0.46
C ALA A 19 32.73 13.89 0.57
N GLN A 20 33.90 13.64 1.17
CA GLN A 20 34.52 14.55 2.10
C GLN A 20 35.73 15.16 1.41
N ILE A 21 35.84 16.50 1.50
CA ILE A 21 36.88 17.25 0.80
C ILE A 21 37.79 17.92 1.84
N ASP A 22 39.07 17.54 1.81
CA ASP A 22 40.09 18.14 2.65
C ASP A 22 41.06 18.95 1.78
N GLY A 23 41.85 19.80 2.44
CA GLY A 23 42.87 20.59 1.78
C GLY A 23 42.32 21.91 1.24
N VAL A 24 41.29 22.44 1.91
CA VAL A 24 40.59 23.64 1.45
C VAL A 24 40.02 24.38 2.66
N ARG A 25 40.40 25.65 2.80
CA ARG A 25 39.77 26.55 3.75
C ARG A 25 38.73 27.38 3.00
N LEU A 26 37.46 27.19 3.36
CA LEU A 26 36.36 27.84 2.66
C LEU A 26 36.30 29.32 3.04
N GLY A 27 36.18 30.17 2.02
CA GLY A 27 36.03 31.61 2.21
C GLY A 27 35.64 32.30 0.90
N GLY A 28 35.29 33.59 1.00
CA GLY A 28 34.88 34.39 -0.15
C GLY A 28 36.01 34.56 -1.17
N ASP A 29 37.27 34.45 -0.71
CA ASP A 29 38.44 34.61 -1.57
C ASP A 29 39.07 33.24 -1.81
N LEU A 30 38.59 32.55 -2.86
CA LEU A 30 39.12 31.24 -3.24
C LEU A 30 39.53 31.23 -4.71
N ASP A 31 40.46 30.34 -5.02
CA ASP A 31 41.00 30.21 -6.37
C ASP A 31 39.91 29.65 -7.29
N PRO A 32 39.69 30.26 -8.48
CA PRO A 32 38.77 29.70 -9.47
C PRO A 32 38.96 28.20 -9.73
N ALA A 33 40.21 27.76 -9.83
CA ALA A 33 40.54 26.37 -10.12
C ALA A 33 40.04 25.47 -8.98
N ALA A 34 40.11 25.96 -7.74
CA ALA A 34 39.69 25.21 -6.56
C ALA A 34 38.16 25.08 -6.52
N VAL A 35 37.46 26.17 -6.84
CA VAL A 35 36.00 26.21 -6.84
C VAL A 35 35.45 25.37 -7.99
N ASN A 36 36.27 25.18 -9.05
CA ASN A 36 35.90 24.31 -10.15
C ASN A 36 36.03 22.84 -9.74
N GLU A 37 36.90 22.57 -8.75
CA GLU A 37 37.11 21.22 -8.26
C GLU A 37 36.06 20.88 -7.20
N ILE A 38 35.65 21.89 -6.41
CA ILE A 38 34.59 21.70 -5.44
C ILE A 38 33.29 21.38 -6.18
N ARG A 39 32.92 22.24 -7.13
CA ARG A 39 31.67 22.09 -7.87
C ARG A 39 31.66 20.74 -8.58
N ALA A 40 32.77 20.39 -9.24
CA ALA A 40 32.88 19.10 -9.91
C ALA A 40 32.54 17.97 -8.93
N ALA A 41 33.06 18.08 -7.70
CA ALA A 41 32.83 17.08 -6.68
C ALA A 41 31.38 17.13 -6.19
N LEU A 42 30.83 18.33 -6.05
CA LEU A 42 29.45 18.52 -5.63
C LEU A 42 28.50 17.86 -6.64
N LEU A 43 28.70 18.12 -7.93
CA LEU A 43 27.85 17.58 -8.98
C LEU A 43 27.98 16.06 -9.04
N ALA A 44 29.19 15.55 -8.83
CA ALA A 44 29.46 14.13 -9.00
C ALA A 44 28.93 13.33 -7.81
N HIS A 45 29.07 13.89 -6.60
CA HIS A 45 28.82 13.16 -5.37
C HIS A 45 27.56 13.66 -4.66
N LYS A 46 26.96 14.74 -5.17
CA LYS A 46 25.63 15.20 -4.79
C LYS A 46 25.63 15.89 -3.44
N VAL A 47 26.46 15.41 -2.50
CA VAL A 47 26.66 16.11 -1.24
C VAL A 47 28.12 15.97 -0.83
N VAL A 48 28.70 17.10 -0.41
CA VAL A 48 30.11 17.15 -0.06
C VAL A 48 30.27 17.84 1.30
N PHE A 49 31.18 17.29 2.11
CA PHE A 49 31.33 17.68 3.51
C PHE A 49 32.72 18.23 3.74
N PHE A 50 32.80 19.29 4.55
CA PHE A 50 34.05 19.96 4.85
C PHE A 50 34.27 19.95 6.37
N ARG A 51 35.42 19.41 6.78
CA ARG A 51 35.80 19.32 8.19
C ARG A 51 36.56 20.58 8.60
N GLY A 52 36.38 20.98 9.88
CA GLY A 52 37.23 21.98 10.51
C GLY A 52 37.19 23.33 9.81
N GLN A 53 35.98 23.81 9.52
CA GLN A 53 35.79 25.13 8.92
C GLN A 53 35.28 26.08 10.01
N HIS A 54 36.16 26.33 10.99
CA HIS A 54 35.82 27.09 12.18
C HIS A 54 35.88 28.59 11.90
N GLN A 55 36.61 28.97 10.84
CA GLN A 55 36.77 30.37 10.46
C GLN A 55 35.46 30.94 9.90
N LEU A 56 34.62 30.07 9.32
CA LEU A 56 33.38 30.51 8.69
C LEU A 56 32.42 31.06 9.75
N ASP A 57 32.07 32.34 9.61
CA ASP A 57 30.90 32.91 10.26
C ASP A 57 29.87 33.19 9.15
N ASP A 58 28.75 33.80 9.51
CA ASP A 58 27.64 34.02 8.60
C ASP A 58 28.12 34.72 7.32
N ALA A 59 28.90 35.80 7.49
CA ALA A 59 29.31 36.66 6.39
C ALA A 59 30.33 35.95 5.50
N GLU A 60 31.25 35.19 6.11
CA GLU A 60 32.28 34.48 5.37
C GLU A 60 31.67 33.29 4.63
N GLN A 61 30.57 32.75 5.18
CA GLN A 61 29.85 31.64 4.55
C GLN A 61 29.08 32.16 3.33
N LEU A 62 28.32 33.24 3.54
CA LEU A 62 27.53 33.88 2.49
C LEU A 62 28.42 34.20 1.28
N ALA A 63 29.64 34.68 1.56
CA ALA A 63 30.58 35.04 0.51
C ALA A 63 30.91 33.80 -0.32
N PHE A 64 31.35 32.73 0.34
CA PHE A 64 31.74 31.50 -0.33
C PHE A 64 30.61 30.96 -1.21
N ALA A 65 29.39 30.97 -0.66
CA ALA A 65 28.21 30.51 -1.37
C ALA A 65 28.03 31.30 -2.68
N GLY A 66 28.41 32.58 -2.64
CA GLY A 66 28.32 33.47 -3.79
C GLY A 66 29.28 33.12 -4.91
N LEU A 67 30.21 32.18 -4.67
CA LEU A 67 31.09 31.66 -5.71
C LEU A 67 30.44 30.47 -6.42
N LEU A 68 29.38 29.90 -5.82
CA LEU A 68 28.72 28.73 -6.35
C LEU A 68 27.45 29.12 -7.10
N GLY A 69 26.86 30.27 -6.73
CA GLY A 69 25.61 30.71 -7.34
C GLY A 69 25.15 32.04 -6.76
N THR A 70 23.84 32.30 -6.84
CA THR A 70 23.24 33.54 -6.37
C THR A 70 22.45 33.26 -5.09
N PRO A 71 22.93 33.70 -3.90
CA PRO A 71 22.13 33.65 -2.67
C PRO A 71 20.74 34.27 -2.80
N ILE A 72 19.76 33.67 -2.14
CA ILE A 72 18.38 34.13 -2.20
C ILE A 72 18.20 35.28 -1.19
N ASN A 98 10.68 15.05 10.96
CA ASN A 98 10.92 15.71 9.65
C ASN A 98 10.91 14.66 8.55
N ARG A 99 10.38 15.04 7.38
CA ARG A 99 10.13 14.10 6.30
C ARG A 99 11.10 14.38 5.15
N TRP A 100 11.38 13.33 4.35
CA TRP A 100 12.22 13.43 3.16
C TRP A 100 11.64 14.45 2.18
N HIS A 101 12.46 15.45 1.83
CA HIS A 101 12.02 16.52 0.95
C HIS A 101 13.18 17.01 0.09
N THR A 102 12.81 17.70 -1.00
CA THR A 102 13.70 18.57 -1.75
C THR A 102 13.23 20.00 -1.46
N ASP A 103 14.17 20.89 -1.11
CA ASP A 103 13.83 22.17 -0.54
C ASP A 103 13.00 22.99 -1.53
N VAL A 104 11.79 23.36 -1.10
CA VAL A 104 10.99 24.43 -1.68
C VAL A 104 10.55 24.06 -3.11
N THR A 105 10.16 22.80 -3.32
CA THR A 105 9.79 22.35 -4.66
C THR A 105 8.34 22.77 -4.98
N PHE A 106 7.64 23.35 -4.01
CA PHE A 106 6.34 23.95 -4.26
C PHE A 106 6.48 25.21 -5.11
N ALA A 107 7.71 25.72 -5.25
CA ALA A 107 8.02 26.79 -6.19
C ALA A 107 8.58 26.19 -7.48
N ALA A 108 8.43 26.95 -8.59
CA ALA A 108 8.78 26.47 -9.92
C ALA A 108 10.30 26.47 -10.10
N ASN A 109 10.96 27.54 -9.65
CA ASN A 109 12.41 27.65 -9.71
C ASN A 109 12.96 27.49 -8.30
N TYR A 110 12.94 26.24 -7.82
CA TYR A 110 13.38 25.92 -6.48
C TYR A 110 14.91 25.90 -6.45
N PRO A 111 15.53 26.13 -5.26
CA PRO A 111 16.99 26.27 -5.15
C PRO A 111 17.84 25.16 -5.77
N ALA A 112 19.04 25.55 -6.25
CA ALA A 112 19.95 24.65 -6.94
C ALA A 112 20.77 23.84 -5.93
N ALA A 113 21.22 24.52 -4.88
CA ALA A 113 22.05 23.91 -3.84
C ALA A 113 22.02 24.76 -2.57
N SER A 114 22.56 24.19 -1.49
CA SER A 114 22.66 24.91 -0.23
C SER A 114 23.99 24.59 0.46
N VAL A 115 24.48 25.58 1.21
CA VAL A 115 25.63 25.40 2.09
C VAL A 115 25.13 25.46 3.52
N LEU A 116 25.37 24.39 4.28
CA LEU A 116 24.88 24.29 5.65
C LEU A 116 26.07 24.08 6.57
N ARG A 117 26.14 24.91 7.61
CA ARG A 117 27.24 24.89 8.58
C ARG A 117 26.66 24.64 9.97
N ALA A 118 27.38 23.83 10.75
CA ALA A 118 27.01 23.55 12.13
C ALA A 118 27.61 24.62 13.04
N VAL A 119 26.85 25.04 14.06
CA VAL A 119 27.33 25.99 15.04
C VAL A 119 27.12 25.43 16.46
N SER A 120 25.86 25.14 16.81
CA SER A 120 25.52 24.56 18.10
C SER A 120 24.85 23.20 17.90
N LEU A 121 25.59 22.13 18.22
CA LEU A 121 25.10 20.77 18.09
C LEU A 121 24.62 20.25 19.44
N PRO A 122 23.89 19.10 19.48
CA PRO A 122 23.59 18.43 20.74
C PRO A 122 24.76 17.56 21.18
N SER A 123 24.65 16.97 22.38
CA SER A 123 25.68 16.11 22.92
C SER A 123 25.63 14.73 22.27
N TYR A 124 24.49 14.38 21.66
CA TYR A 124 24.33 13.12 20.96
C TYR A 124 23.20 13.25 19.92
N GLY A 125 23.27 12.39 18.90
CA GLY A 125 22.25 12.34 17.85
C GLY A 125 22.33 13.55 16.93
N GLY A 126 21.21 13.80 16.23
CA GLY A 126 21.07 14.98 15.39
C GLY A 126 21.85 14.88 14.08
N SER A 127 21.90 13.66 13.50
CA SER A 127 22.50 13.46 12.19
C SER A 127 21.50 13.85 11.10
N THR A 128 22.00 13.98 9.86
CA THR A 128 21.17 14.40 8.74
C THR A 128 21.34 13.41 7.59
N LEU A 129 20.24 13.22 6.84
CA LEU A 129 20.16 12.23 5.78
C LEU A 129 20.13 12.93 4.43
N TRP A 130 20.80 12.32 3.44
CA TRP A 130 20.76 12.77 2.06
C TRP A 130 20.53 11.57 1.15
N ALA A 131 19.72 11.77 0.10
CA ALA A 131 19.41 10.73 -0.86
C ALA A 131 19.76 11.21 -2.26
N ASN A 132 20.44 10.37 -3.03
CA ASN A 132 20.82 10.68 -4.40
C ASN A 132 19.66 10.32 -5.33
N THR A 133 18.96 11.34 -5.84
CA THR A 133 17.80 11.15 -6.67
C THR A 133 18.21 10.89 -8.12
N ALA A 134 19.49 11.11 -8.44
CA ALA A 134 20.01 10.85 -9.77
C ALA A 134 20.33 9.37 -9.93
N ALA A 135 20.99 8.81 -8.92
CA ALA A 135 21.27 7.38 -8.86
C ALA A 135 19.98 6.59 -8.71
N ALA A 136 18.96 7.22 -8.11
CA ALA A 136 17.64 6.61 -7.94
C ALA A 136 17.01 6.36 -9.30
N TYR A 137 17.03 7.38 -10.16
CA TYR A 137 16.50 7.26 -11.51
C TYR A 137 17.26 6.17 -12.28
N ALA A 138 18.58 6.13 -12.12
CA ALA A 138 19.42 5.20 -12.85
C ALA A 138 19.12 3.76 -12.44
N GLU A 139 18.73 3.56 -11.18
CA GLU A 139 18.51 2.23 -10.63
C GLU A 139 17.12 1.69 -11.01
N LEU A 140 16.22 2.56 -11.48
CA LEU A 140 14.86 2.15 -11.81
C LEU A 140 14.88 1.08 -12.89
N PRO A 141 13.98 0.06 -12.81
CA PRO A 141 13.63 -0.74 -13.98
C PRO A 141 13.09 0.11 -15.11
N GLU A 142 13.15 -0.41 -16.34
CA GLU A 142 12.75 0.33 -17.53
C GLU A 142 11.27 0.69 -17.45
N PRO A 143 10.37 -0.21 -16.97
CA PRO A 143 8.97 0.14 -16.76
C PRO A 143 8.71 1.37 -15.91
N LEU A 144 9.48 1.53 -14.82
CA LEU A 144 9.30 2.64 -13.91
C LEU A 144 9.94 3.91 -14.48
N LYS A 145 10.94 3.76 -15.35
CA LYS A 145 11.48 4.89 -16.10
C LYS A 145 10.40 5.46 -17.01
N CYS A 146 9.81 4.59 -17.86
CA CYS A 146 8.70 4.96 -18.72
C CYS A 146 7.70 5.82 -17.93
N LEU A 147 7.29 5.29 -16.79
CA LEU A 147 6.31 5.91 -15.92
C LEU A 147 6.79 7.30 -15.49
N THR A 148 7.96 7.35 -14.84
CA THR A 148 8.45 8.55 -14.19
C THR A 148 8.74 9.64 -15.23
N GLU A 149 9.26 9.25 -16.40
CA GLU A 149 9.58 10.17 -17.47
C GLU A 149 8.33 10.93 -17.93
N ASN A 150 7.17 10.28 -17.83
CA ASN A 150 5.92 10.82 -18.33
C ASN A 150 5.02 11.26 -17.16
N LEU A 151 5.46 10.99 -15.93
CA LEU A 151 4.68 11.33 -14.75
C LEU A 151 4.97 12.78 -14.37
N TRP A 152 3.93 13.49 -13.90
CA TRP A 152 4.03 14.85 -13.44
C TRP A 152 3.37 14.98 -12.08
N ALA A 153 3.99 15.74 -11.18
CA ALA A 153 3.55 15.84 -9.80
C ALA A 153 3.17 17.29 -9.47
N LEU A 154 2.12 17.45 -8.64
CA LEU A 154 1.73 18.74 -8.11
C LEU A 154 2.38 18.95 -6.74
N HIS A 155 3.32 19.90 -6.67
CA HIS A 155 3.96 20.27 -5.42
C HIS A 155 3.26 21.49 -4.83
N THR A 156 2.99 21.46 -3.53
CA THR A 156 2.29 22.56 -2.86
C THR A 156 2.89 22.76 -1.46
N ASN A 157 2.39 23.79 -0.76
CA ASN A 157 2.90 24.14 0.57
C ASN A 157 1.78 24.05 1.60
N ARG A 158 0.93 23.01 1.47
CA ARG A 158 -0.17 22.74 2.40
C ARG A 158 -0.90 24.04 2.74
N PRO A 181 0.53 31.93 2.17
CA PRO A 181 0.68 31.97 0.71
C PRO A 181 0.39 30.61 0.06
N ASP A 182 -0.36 30.64 -1.05
CA ASP A 182 -0.81 29.42 -1.72
C ASP A 182 0.04 29.19 -2.97
N PHE A 183 1.14 28.45 -2.79
CA PHE A 183 2.01 28.04 -3.89
C PHE A 183 1.54 26.69 -4.43
N ARG A 184 1.51 26.57 -5.76
CA ARG A 184 1.16 25.33 -6.43
C ARG A 184 1.95 25.23 -7.73
N THR A 185 2.65 24.11 -7.92
CA THR A 185 3.50 23.93 -9.09
C THR A 185 3.42 22.50 -9.60
N GLU A 186 3.17 22.35 -10.90
CA GLU A 186 3.24 21.05 -11.56
C GLU A 186 4.66 20.86 -12.09
N HIS A 187 5.46 20.05 -11.38
CA HIS A 187 6.79 19.68 -11.82
C HIS A 187 6.74 18.32 -12.51
N PRO A 188 7.71 18.01 -13.39
CA PRO A 188 7.94 16.64 -13.84
C PRO A 188 8.57 15.82 -12.72
N VAL A 189 8.26 14.51 -12.71
CA VAL A 189 8.86 13.59 -11.76
C VAL A 189 10.30 13.30 -12.17
N VAL A 190 10.65 13.56 -13.44
CA VAL A 190 12.04 13.48 -13.87
C VAL A 190 12.45 14.81 -14.50
N ARG A 191 13.48 15.45 -13.93
CA ARG A 191 14.08 16.62 -14.52
C ARG A 191 15.44 16.26 -15.10
N VAL A 192 15.83 16.99 -16.15
CA VAL A 192 17.19 16.92 -16.68
C VAL A 192 18.02 17.96 -15.94
N HIS A 193 19.14 17.51 -15.34
CA HIS A 193 20.00 18.38 -14.57
C HIS A 193 20.69 19.38 -15.49
N PRO A 194 20.51 20.70 -15.25
CA PRO A 194 21.08 21.74 -16.12
C PRO A 194 22.58 21.70 -16.41
N GLU A 195 23.36 21.03 -15.53
CA GLU A 195 24.81 21.05 -15.62
C GLU A 195 25.36 19.68 -16.03
N THR A 196 24.79 18.60 -15.48
CA THR A 196 25.30 17.25 -15.71
C THR A 196 24.54 16.56 -16.83
N GLY A 197 23.28 16.98 -17.05
CA GLY A 197 22.41 16.36 -18.04
C GLY A 197 21.86 15.01 -17.59
N GLU A 198 22.10 14.65 -16.31
CA GLU A 198 21.58 13.42 -15.74
C GLU A 198 20.10 13.60 -15.43
N ARG A 199 19.34 12.51 -15.55
CA ARG A 199 17.97 12.48 -15.07
C ARG A 199 17.97 12.28 -13.56
N THR A 200 17.14 13.07 -12.86
CA THR A 200 16.98 12.95 -11.41
C THR A 200 15.49 12.90 -11.08
N LEU A 201 15.11 12.02 -10.14
CA LEU A 201 13.74 11.94 -9.68
C LEU A 201 13.42 13.16 -8.82
N LEU A 202 12.33 13.86 -9.16
CA LEU A 202 11.88 15.03 -8.43
C LEU A 202 10.56 14.69 -7.73
N ALA A 203 10.63 14.47 -6.42
CA ALA A 203 9.48 14.10 -5.61
C ALA A 203 9.58 14.78 -4.24
N GLY A 204 9.29 14.04 -3.16
CA GLY A 204 9.47 14.56 -1.81
C GLY A 204 8.14 14.89 -1.14
N ASP A 205 8.22 15.47 0.06
CA ASP A 205 7.08 15.60 0.95
C ASP A 205 6.14 16.72 0.52
N PHE A 206 6.52 17.50 -0.49
CA PHE A 206 5.69 18.59 -1.00
C PHE A 206 4.74 18.07 -2.09
N VAL A 207 5.03 16.88 -2.64
CA VAL A 207 4.16 16.26 -3.63
C VAL A 207 2.81 15.96 -2.99
N ARG A 208 1.76 16.64 -3.46
CA ARG A 208 0.39 16.43 -3.01
C ARG A 208 -0.25 15.31 -3.83
N SER A 209 0.02 15.28 -5.13
CA SER A 209 -0.59 14.30 -6.01
C SER A 209 0.17 14.24 -7.33
N PHE A 210 -0.17 13.25 -8.16
CA PHE A 210 0.30 13.16 -9.53
C PHE A 210 -0.84 13.53 -10.47
N VAL A 211 -0.49 14.14 -11.61
CA VAL A 211 -1.45 14.63 -12.58
C VAL A 211 -2.02 13.44 -13.34
N GLY A 212 -3.36 13.35 -13.38
CA GLY A 212 -4.05 12.31 -14.13
C GLY A 212 -4.38 11.09 -13.28
N LEU A 213 -3.78 10.99 -12.08
CA LEU A 213 -4.01 9.88 -11.17
C LEU A 213 -4.86 10.35 -9.99
N ASP A 214 -5.57 9.40 -9.36
CA ASP A 214 -6.45 9.70 -8.24
C ASP A 214 -5.64 9.63 -6.94
N SER A 215 -6.34 9.84 -5.80
CA SER A 215 -5.72 9.91 -4.49
C SER A 215 -4.92 8.65 -4.19
N HIS A 216 -5.58 7.49 -4.34
CA HIS A 216 -5.03 6.21 -3.95
C HIS A 216 -3.80 5.88 -4.79
N GLU A 217 -3.94 5.95 -6.12
CA GLU A 217 -2.87 5.68 -7.05
C GLU A 217 -1.65 6.56 -6.74
N SER A 218 -1.92 7.81 -6.33
CA SER A 218 -0.87 8.78 -6.09
C SER A 218 -0.02 8.37 -4.88
N ARG A 219 -0.66 8.23 -3.71
CA ARG A 219 0.04 7.88 -2.49
C ARG A 219 0.80 6.57 -2.69
N VAL A 220 0.20 5.66 -3.43
CA VAL A 220 0.79 4.35 -3.69
C VAL A 220 2.11 4.53 -4.46
N LEU A 221 2.05 5.20 -5.62
CA LEU A 221 3.21 5.33 -6.47
C LEU A 221 4.24 6.27 -5.82
N PHE A 222 3.76 7.30 -5.11
CA PHE A 222 4.64 8.18 -4.37
C PHE A 222 5.58 7.38 -3.48
N GLU A 223 5.00 6.48 -2.66
CA GLU A 223 5.74 5.72 -1.68
C GLU A 223 6.63 4.68 -2.36
N VAL A 224 6.23 4.20 -3.55
CA VAL A 224 7.04 3.26 -4.31
C VAL A 224 8.34 3.94 -4.75
N LEU A 225 8.23 5.22 -5.13
CA LEU A 225 9.38 5.99 -5.61
C LEU A 225 10.28 6.38 -4.43
N GLN A 226 9.66 6.84 -3.33
CA GLN A 226 10.39 7.30 -2.17
C GLN A 226 11.18 6.16 -1.53
N ARG A 227 10.63 4.94 -1.59
CA ARG A 227 11.27 3.77 -1.03
C ARG A 227 12.60 3.51 -1.75
N ARG A 228 12.59 3.64 -3.09
CA ARG A 228 13.78 3.41 -3.90
C ARG A 228 14.76 4.57 -3.72
N ILE A 229 14.23 5.78 -3.51
CA ILE A 229 15.08 6.96 -3.35
C ILE A 229 15.82 6.85 -2.01
N THR A 230 15.11 6.44 -0.95
CA THR A 230 15.62 6.52 0.41
C THR A 230 16.16 5.16 0.86
N MET A 231 16.32 4.21 -0.08
CA MET A 231 17.10 3.00 0.15
C MET A 231 18.42 3.38 0.83
N PRO A 232 18.78 2.77 1.99
CA PRO A 232 20.03 3.08 2.67
C PRO A 232 21.28 3.16 1.79
N GLU A 233 21.37 2.30 0.76
CA GLU A 233 22.51 2.26 -0.13
C GLU A 233 22.56 3.50 -1.02
N ASN A 234 21.47 4.25 -1.05
CA ASN A 234 21.34 5.43 -1.90
C ASN A 234 21.32 6.69 -1.02
N THR A 235 21.75 6.55 0.24
CA THR A 235 21.68 7.64 1.20
C THR A 235 22.98 7.71 2.00
N ILE A 236 23.15 8.84 2.71
CA ILE A 236 24.23 8.96 3.66
C ILE A 236 23.76 9.75 4.88
N ARG A 237 24.18 9.27 6.06
CA ARG A 237 23.84 9.86 7.33
C ARG A 237 25.10 10.53 7.89
N TRP A 238 25.01 11.85 8.11
CA TRP A 238 26.18 12.62 8.53
C TRP A 238 26.12 12.90 10.02
N ASN A 239 27.13 12.41 10.75
CA ASN A 239 27.30 12.71 12.16
C ASN A 239 28.02 14.05 12.27
N TRP A 240 27.28 15.07 12.73
CA TRP A 240 27.80 16.42 12.79
C TRP A 240 28.84 16.56 13.90
N ALA A 241 30.02 17.06 13.53
CA ALA A 241 31.01 17.57 14.45
C ALA A 241 31.04 19.09 14.33
N PRO A 242 31.51 19.85 15.35
CA PRO A 242 31.60 21.30 15.25
C PRO A 242 32.56 21.72 14.13
N GLY A 243 32.18 22.79 13.42
CA GLY A 243 32.96 23.28 12.29
C GLY A 243 32.88 22.35 11.06
N ASP A 244 31.78 21.61 10.95
CA ASP A 244 31.48 20.86 9.74
C ASP A 244 30.61 21.73 8.83
N VAL A 245 30.88 21.66 7.52
CA VAL A 245 30.09 22.36 6.53
C VAL A 245 29.69 21.36 5.45
N ALA A 246 28.39 21.33 5.12
CA ALA A 246 27.85 20.46 4.10
C ALA A 246 27.39 21.29 2.90
N ILE A 247 27.66 20.78 1.70
CA ILE A 247 27.13 21.35 0.47
C ILE A 247 26.45 20.22 -0.30
N TRP A 248 25.19 20.45 -0.69
CA TRP A 248 24.41 19.45 -1.40
C TRP A 248 23.73 20.08 -2.62
N ASP A 249 23.57 19.24 -3.65
CA ASP A 249 22.88 19.62 -4.87
C ASP A 249 21.39 19.31 -4.72
N ASN A 250 20.60 20.36 -4.47
CA ASN A 250 19.18 20.23 -4.24
C ASN A 250 18.45 19.82 -5.53
N ARG A 251 19.14 19.89 -6.67
CA ARG A 251 18.57 19.48 -7.94
C ARG A 251 18.71 17.98 -8.15
N ALA A 252 19.53 17.31 -7.32
CA ALA A 252 19.80 15.90 -7.50
C ALA A 252 19.76 15.14 -6.17
N THR A 253 19.08 15.70 -5.16
CA THR A 253 19.01 15.05 -3.86
C THR A 253 17.67 15.31 -3.18
N GLN A 254 17.39 14.45 -2.19
CA GLN A 254 16.48 14.75 -1.09
C GLN A 254 17.28 14.74 0.20
N HIS A 255 16.72 15.35 1.25
CA HIS A 255 17.32 15.28 2.58
C HIS A 255 16.24 15.19 3.64
N ARG A 256 16.67 14.74 4.83
CA ARG A 256 15.80 14.56 5.97
C ARG A 256 16.62 14.85 7.23
N ALA A 257 16.06 15.65 8.13
CA ALA A 257 16.63 15.83 9.47
C ALA A 257 16.13 14.71 10.38
N ILE A 258 16.96 14.32 11.34
CA ILE A 258 16.62 13.28 12.28
C ILE A 258 16.48 13.91 13.67
N ASP A 259 15.26 13.81 14.23
CA ASP A 259 14.97 14.32 15.57
C ASP A 259 15.26 13.21 16.58
N ASP A 260 16.55 12.98 16.86
CA ASP A 260 16.97 11.99 17.85
C ASP A 260 17.96 12.64 18.81
N TYR A 261 17.68 13.89 19.19
CA TYR A 261 18.49 14.63 20.16
C TYR A 261 17.60 15.13 21.29
N ASP A 262 16.44 14.48 21.46
CA ASP A 262 15.48 14.82 22.51
C ASP A 262 15.11 16.30 22.38
N ASP A 263 15.06 17.03 23.51
CA ASP A 263 14.65 18.42 23.51
C ASP A 263 15.87 19.32 23.70
N GLN A 264 17.00 18.92 23.13
CA GLN A 264 18.24 19.70 23.20
C GLN A 264 18.18 20.82 22.16
N HIS A 265 18.97 21.87 22.39
CA HIS A 265 19.09 22.98 21.47
C HIS A 265 19.97 22.56 20.29
N ARG A 266 19.55 22.97 19.08
CA ARG A 266 20.33 22.75 17.87
C ARG A 266 20.26 23.99 16.99
N LEU A 267 21.40 24.37 16.41
CA LEU A 267 21.46 25.51 15.50
C LEU A 267 22.41 25.19 14.35
N MET A 268 21.94 25.43 13.13
CA MET A 268 22.73 25.33 11.92
C MET A 268 22.66 26.67 11.20
N HIS A 269 23.57 26.90 10.25
CA HIS A 269 23.45 28.07 9.38
C HIS A 269 23.42 27.63 7.92
N ARG A 270 22.35 28.02 7.22
CA ARG A 270 22.11 27.59 5.86
C ARG A 270 22.15 28.80 4.93
N VAL A 271 22.94 28.69 3.86
CA VAL A 271 22.86 29.62 2.74
C VAL A 271 22.41 28.84 1.51
N THR A 272 21.30 29.30 0.91
CA THR A 272 20.65 28.58 -0.18
C THR A 272 20.81 29.39 -1.47
N LEU A 273 21.10 28.68 -2.57
CA LEU A 273 21.43 29.31 -3.84
C LEU A 273 20.23 29.26 -4.78
N MET A 274 20.18 30.24 -5.69
CA MET A 274 19.07 30.41 -6.62
C MET A 274 19.14 29.31 -7.67
N GLY A 275 17.96 28.80 -8.07
CA GLY A 275 17.87 27.71 -9.03
C GLY A 275 17.02 28.07 -10.24
N ASP A 276 16.92 27.13 -11.19
CA ASP A 276 16.17 27.35 -12.42
C ASP A 276 14.96 26.40 -12.47
N VAL A 277 14.07 26.69 -13.42
CA VAL A 277 12.88 25.89 -13.65
C VAL A 277 13.29 24.55 -14.25
N PRO A 278 12.84 23.41 -13.67
CA PRO A 278 13.11 22.08 -14.25
C PRO A 278 12.53 21.88 -15.64
N VAL A 279 13.12 20.93 -16.38
CA VAL A 279 12.62 20.55 -17.70
C VAL A 279 12.66 19.03 -17.81
N ASP A 280 11.58 18.46 -18.37
CA ASP A 280 11.45 17.01 -18.47
C ASP A 280 12.35 16.50 -19.59
N VAL A 281 12.25 15.20 -19.90
CA VAL A 281 13.15 14.54 -20.82
C VAL A 281 12.80 14.89 -22.27
N TYR A 282 11.66 15.54 -22.50
CA TYR A 282 11.27 15.98 -23.82
C TYR A 282 11.51 17.48 -24.00
N GLY A 283 11.72 18.20 -22.89
CA GLY A 283 12.05 19.63 -22.93
C GLY A 283 10.86 20.51 -22.57
N GLN A 284 10.02 20.05 -21.63
CA GLN A 284 8.86 20.78 -21.18
C GLN A 284 9.12 21.33 -19.78
N ALA A 285 8.83 22.61 -19.59
CA ALA A 285 9.11 23.29 -18.34
C ALA A 285 8.01 23.00 -17.32
N SER A 286 8.32 23.26 -16.04
CA SER A 286 7.35 23.20 -14.97
C SER A 286 6.35 24.35 -15.11
N ARG A 287 5.19 24.19 -14.48
CA ARG A 287 4.05 25.07 -14.69
C ARG A 287 3.63 25.66 -13.36
N VAL A 288 3.53 27.00 -13.30
CA VAL A 288 3.08 27.69 -12.10
C VAL A 288 1.56 27.73 -12.12
N ILE A 289 0.92 27.00 -11.19
CA ILE A 289 -0.52 27.04 -11.03
C ILE A 289 -0.90 28.23 -10.15
N SER A 290 -0.22 28.38 -9.01
CA SER A 290 -0.44 29.49 -8.11
C SER A 290 0.89 30.02 -7.56
N GLY A 291 0.85 31.23 -7.01
CA GLY A 291 2.02 31.92 -6.50
C GLY A 291 2.81 32.61 -7.61
N ALA A 292 4.09 32.89 -7.34
CA ALA A 292 4.99 33.49 -8.32
C ALA A 292 6.40 32.93 -8.11
N PRO A 293 7.27 32.93 -9.15
CA PRO A 293 8.65 32.48 -9.00
C PRO A 293 9.41 33.18 -7.87
N MET A 294 10.45 32.51 -7.36
CA MET A 294 11.14 32.94 -6.15
C MET A 294 11.94 34.23 -6.42
N ILE B 8 34.47 3.42 33.89
CA ILE B 8 33.88 3.05 32.57
C ILE B 8 32.80 4.06 32.21
N THR B 9 32.93 4.67 31.02
CA THR B 9 31.97 5.63 30.52
C THR B 9 31.09 4.96 29.46
N VAL B 10 29.82 5.39 29.41
CA VAL B 10 28.90 4.95 28.38
C VAL B 10 28.15 6.18 27.88
N LYS B 11 28.22 6.42 26.57
CA LYS B 11 27.75 7.66 25.98
C LYS B 11 26.64 7.36 24.98
N LYS B 12 25.49 8.04 25.13
CA LYS B 12 24.38 7.93 24.19
C LYS B 12 24.82 8.42 22.81
N LEU B 13 24.34 7.72 21.77
CA LEU B 13 24.51 8.15 20.39
C LEU B 13 23.16 8.58 19.81
N GLY B 14 22.10 8.52 20.62
CA GLY B 14 20.76 8.86 20.17
C GLY B 14 19.72 8.61 21.26
N SER B 15 18.57 9.28 21.13
CA SER B 15 17.53 9.26 22.15
C SER B 15 16.97 7.85 22.34
N ARG B 16 16.83 7.09 21.25
CA ARG B 16 16.11 5.82 21.27
C ARG B 16 17.06 4.64 21.20
N ILE B 17 18.25 4.82 20.60
CA ILE B 17 19.14 3.69 20.38
C ILE B 17 20.58 4.18 20.25
N GLY B 18 21.52 3.30 20.65
CA GLY B 18 22.94 3.51 20.42
C GLY B 18 23.64 4.09 21.65
N ALA B 19 24.86 3.58 21.89
CA ALA B 19 25.74 4.11 22.92
C ALA B 19 27.16 3.62 22.68
N GLN B 20 28.14 4.47 23.02
CA GLN B 20 29.55 4.12 22.89
C GLN B 20 30.13 3.91 24.27
N ILE B 21 30.93 2.82 24.41
CA ILE B 21 31.57 2.48 25.67
C ILE B 21 33.07 2.56 25.49
N ASP B 22 33.70 3.49 26.22
CA ASP B 22 35.15 3.64 26.23
C ASP B 22 35.63 3.55 27.68
N GLY B 23 36.88 3.08 27.84
CA GLY B 23 37.47 2.83 29.16
C GLY B 23 37.38 1.36 29.56
N VAL B 24 37.53 0.47 28.57
CA VAL B 24 37.42 -0.97 28.77
C VAL B 24 38.27 -1.66 27.71
N ARG B 25 39.25 -2.45 28.16
CA ARG B 25 39.96 -3.37 27.29
C ARG B 25 39.22 -4.71 27.31
N LEU B 26 38.58 -5.05 26.18
CA LEU B 26 37.74 -6.25 26.09
C LEU B 26 38.61 -7.50 26.07
N GLY B 27 38.11 -8.55 26.72
CA GLY B 27 38.82 -9.83 26.81
C GLY B 27 38.21 -10.74 27.87
N GLY B 28 38.78 -11.95 28.00
CA GLY B 28 38.32 -12.93 28.96
C GLY B 28 38.63 -12.56 30.40
N ASP B 29 39.71 -11.79 30.59
CA ASP B 29 40.14 -11.35 31.91
C ASP B 29 39.50 -10.00 32.23
N LEU B 30 38.17 -9.96 32.27
CA LEU B 30 37.43 -8.74 32.54
C LEU B 30 36.84 -8.79 33.94
N ASP B 31 36.76 -7.60 34.56
CA ASP B 31 36.26 -7.44 35.92
C ASP B 31 34.77 -7.72 35.94
N PRO B 32 34.28 -8.73 36.71
CA PRO B 32 32.85 -9.06 36.77
C PRO B 32 31.88 -7.88 36.90
N ALA B 33 32.29 -6.86 37.67
CA ALA B 33 31.46 -5.66 37.86
C ALA B 33 31.40 -4.83 36.59
N ALA B 34 32.46 -4.91 35.76
CA ALA B 34 32.51 -4.22 34.48
C ALA B 34 31.55 -4.87 33.48
N VAL B 35 31.48 -6.21 33.52
CA VAL B 35 30.58 -6.97 32.65
C VAL B 35 29.14 -6.59 32.97
N ASN B 36 28.84 -6.39 34.26
CA ASN B 36 27.50 -6.00 34.69
C ASN B 36 27.12 -4.66 34.07
N GLU B 37 28.10 -3.75 33.97
CA GLU B 37 27.87 -2.42 33.40
C GLU B 37 27.69 -2.51 31.88
N ILE B 38 28.46 -3.40 31.24
CA ILE B 38 28.31 -3.65 29.82
C ILE B 38 26.90 -4.16 29.54
N ARG B 39 26.51 -5.24 30.23
CA ARG B 39 25.22 -5.88 30.05
C ARG B 39 24.09 -4.87 30.31
N ALA B 40 24.22 -4.08 31.39
CA ALA B 40 23.20 -3.10 31.74
C ALA B 40 23.02 -2.10 30.59
N ALA B 41 24.14 -1.66 30.01
CA ALA B 41 24.13 -0.70 28.91
C ALA B 41 23.52 -1.33 27.66
N LEU B 42 23.87 -2.59 27.40
CA LEU B 42 23.38 -3.32 26.23
C LEU B 42 21.86 -3.40 26.27
N LEU B 43 21.32 -3.77 27.44
CA LEU B 43 19.88 -3.91 27.60
C LEU B 43 19.18 -2.56 27.50
N ALA B 44 19.85 -1.49 27.97
CA ALA B 44 19.27 -0.16 28.01
C ALA B 44 19.30 0.49 26.63
N HIS B 45 20.43 0.33 25.92
CA HIS B 45 20.67 1.08 24.69
C HIS B 45 20.70 0.17 23.45
N LYS B 46 20.50 -1.14 23.66
CA LYS B 46 20.13 -2.07 22.59
C LYS B 46 21.33 -2.45 21.72
N VAL B 47 22.15 -1.47 21.37
CA VAL B 47 23.42 -1.73 20.71
C VAL B 47 24.46 -0.79 21.31
N VAL B 48 25.67 -1.33 21.53
CA VAL B 48 26.76 -0.57 22.13
C VAL B 48 28.04 -0.84 21.33
N PHE B 49 28.90 0.18 21.27
CA PHE B 49 30.07 0.18 20.42
C PHE B 49 31.32 0.45 21.24
N PHE B 50 32.42 -0.23 20.87
CA PHE B 50 33.72 -0.02 21.47
C PHE B 50 34.71 0.41 20.40
N ARG B 51 35.52 1.44 20.71
CA ARG B 51 36.48 1.99 19.77
C ARG B 51 37.89 1.51 20.11
N GLY B 52 38.68 1.23 19.08
CA GLY B 52 40.10 0.95 19.21
C GLY B 52 40.40 -0.27 20.08
N GLN B 53 39.69 -1.37 19.80
CA GLN B 53 39.96 -2.65 20.46
C GLN B 53 40.78 -3.52 19.50
N HIS B 54 42.03 -3.10 19.27
CA HIS B 54 42.90 -3.71 18.28
C HIS B 54 43.51 -5.01 18.81
N GLN B 55 43.38 -5.25 20.12
CA GLN B 55 44.00 -6.40 20.77
C GLN B 55 43.19 -7.67 20.54
N LEU B 56 41.90 -7.54 20.21
CA LEU B 56 41.01 -8.68 20.10
C LEU B 56 41.37 -9.52 18.87
N ASP B 57 41.04 -10.81 18.95
CA ASP B 57 41.10 -11.72 17.82
C ASP B 57 39.96 -12.72 17.95
N ASP B 58 39.91 -13.71 17.06
CA ASP B 58 38.88 -14.75 17.09
C ASP B 58 38.79 -15.35 18.49
N ALA B 59 39.93 -15.69 19.08
CA ALA B 59 40.00 -16.41 20.34
C ALA B 59 39.53 -15.53 21.50
N GLU B 60 40.06 -14.30 21.57
CA GLU B 60 39.84 -13.42 22.71
C GLU B 60 38.42 -12.86 22.70
N GLN B 61 37.82 -12.77 21.50
CA GLN B 61 36.46 -12.29 21.33
C GLN B 61 35.49 -13.34 21.88
N LEU B 62 35.69 -14.60 21.47
CA LEU B 62 34.87 -15.73 21.91
C LEU B 62 34.91 -15.83 23.44
N ALA B 63 36.08 -15.56 24.03
CA ALA B 63 36.25 -15.61 25.47
C ALA B 63 35.40 -14.53 26.14
N PHE B 64 35.49 -13.30 25.63
CA PHE B 64 34.72 -12.19 26.16
C PHE B 64 33.23 -12.45 26.03
N ALA B 65 32.80 -12.99 24.88
CA ALA B 65 31.40 -13.26 24.62
C ALA B 65 30.82 -14.15 25.72
N GLY B 66 31.58 -15.18 26.13
CA GLY B 66 31.14 -16.16 27.11
C GLY B 66 30.76 -15.56 28.46
N LEU B 67 31.19 -14.32 28.72
CA LEU B 67 30.87 -13.63 29.96
C LEU B 67 29.45 -13.07 29.91
N LEU B 68 28.93 -12.82 28.70
CA LEU B 68 27.62 -12.21 28.51
C LEU B 68 26.55 -13.28 28.39
N GLY B 69 26.88 -14.39 27.71
CA GLY B 69 25.97 -15.51 27.53
C GLY B 69 26.70 -16.71 26.94
N THR B 70 25.94 -17.70 26.45
CA THR B 70 26.51 -18.95 25.97
C THR B 70 26.69 -18.89 24.46
N PRO B 71 27.94 -18.94 23.93
CA PRO B 71 28.16 -18.99 22.48
C PRO B 71 27.63 -20.27 21.84
N ILE B 72 27.45 -20.24 20.52
CA ILE B 72 26.87 -21.36 19.78
C ILE B 72 27.99 -22.34 19.38
N ASN B 98 21.54 -6.09 1.49
CA ASN B 98 20.92 -6.73 2.70
C ASN B 98 19.64 -5.98 3.03
N ARG B 99 18.82 -6.55 3.93
CA ARG B 99 17.54 -5.97 4.30
C ARG B 99 17.26 -6.23 5.78
N TRP B 100 16.33 -5.43 6.34
CA TRP B 100 16.06 -5.41 7.77
C TRP B 100 15.64 -6.79 8.28
N HIS B 101 16.32 -7.26 9.33
CA HIS B 101 16.00 -8.54 9.93
C HIS B 101 16.48 -8.57 11.38
N THR B 102 15.77 -9.35 12.20
CA THR B 102 16.31 -9.92 13.42
C THR B 102 16.92 -11.28 13.06
N ASP B 103 18.06 -11.60 13.68
CA ASP B 103 18.87 -12.74 13.28
C ASP B 103 18.15 -14.05 13.61
N VAL B 104 17.89 -14.84 12.55
CA VAL B 104 17.51 -16.24 12.63
C VAL B 104 16.18 -16.40 13.38
N THR B 105 15.20 -15.54 13.07
CA THR B 105 13.89 -15.62 13.69
C THR B 105 13.04 -16.71 13.04
N PHE B 106 13.59 -17.38 12.01
CA PHE B 106 12.92 -18.54 11.42
C PHE B 106 13.04 -19.75 12.35
N ALA B 107 13.97 -19.69 13.32
CA ALA B 107 14.05 -20.66 14.40
C ALA B 107 13.32 -20.12 15.62
N ALA B 108 13.06 -21.01 16.60
CA ALA B 108 12.25 -20.69 17.75
C ALA B 108 13.07 -20.01 18.83
N ASN B 109 14.23 -20.61 19.16
CA ASN B 109 15.15 -20.05 20.14
C ASN B 109 16.25 -19.30 19.41
N TYR B 110 15.90 -18.11 18.89
CA TYR B 110 16.82 -17.33 18.08
C TYR B 110 17.73 -16.53 19.01
N PRO B 111 18.98 -16.20 18.57
CA PRO B 111 20.00 -15.60 19.45
C PRO B 111 19.57 -14.43 20.31
N ALA B 112 20.22 -14.30 21.47
CA ALA B 112 19.91 -13.24 22.42
C ALA B 112 20.68 -11.97 22.06
N ALA B 113 21.91 -12.15 21.59
CA ALA B 113 22.78 -11.03 21.26
C ALA B 113 23.92 -11.52 20.35
N SER B 114 24.69 -10.57 19.83
CA SER B 114 25.87 -10.91 19.05
C SER B 114 26.99 -9.90 19.33
N VAL B 115 28.23 -10.38 19.22
CA VAL B 115 29.42 -9.54 19.28
C VAL B 115 30.06 -9.56 17.90
N LEU B 116 30.18 -8.37 17.29
CA LEU B 116 30.69 -8.24 15.93
C LEU B 116 31.94 -7.37 15.95
N ARG B 117 33.00 -7.87 15.31
CA ARG B 117 34.29 -7.20 15.28
C ARG B 117 34.73 -7.06 13.83
N ALA B 118 35.23 -5.87 13.46
CA ALA B 118 35.78 -5.63 12.14
C ALA B 118 37.19 -6.21 12.08
N VAL B 119 37.51 -6.86 10.95
CA VAL B 119 38.87 -7.29 10.67
C VAL B 119 39.40 -6.57 9.43
N SER B 120 38.52 -6.40 8.42
CA SER B 120 38.91 -5.82 7.15
C SER B 120 37.77 -4.96 6.62
N LEU B 121 38.03 -3.64 6.51
CA LEU B 121 37.02 -2.68 6.08
C LEU B 121 37.37 -2.16 4.68
N PRO B 122 36.36 -1.82 3.85
CA PRO B 122 36.60 -1.11 2.60
C PRO B 122 36.88 0.38 2.84
N SER B 123 37.42 1.05 1.82
CA SER B 123 37.90 2.41 1.94
C SER B 123 36.74 3.39 2.12
N TYR B 124 35.56 3.04 1.60
CA TYR B 124 34.36 3.84 1.80
C TYR B 124 33.15 2.92 1.90
N GLY B 125 32.12 3.40 2.60
CA GLY B 125 30.89 2.65 2.81
C GLY B 125 31.05 1.54 3.85
N GLY B 126 30.10 0.62 3.87
CA GLY B 126 30.13 -0.55 4.74
C GLY B 126 29.46 -0.30 6.09
N SER B 127 28.74 0.83 6.22
CA SER B 127 28.07 1.16 7.47
C SER B 127 26.93 0.19 7.72
N THR B 128 26.50 0.09 8.98
CA THR B 128 25.51 -0.87 9.39
C THR B 128 24.43 -0.17 10.21
N LEU B 129 23.19 -0.66 10.07
CA LEU B 129 22.02 -0.04 10.68
C LEU B 129 21.50 -0.94 11.80
N TRP B 130 21.03 -0.30 12.88
CA TRP B 130 20.32 -0.97 13.96
C TRP B 130 19.02 -0.22 14.24
N ALA B 131 17.98 -0.98 14.60
CA ALA B 131 16.68 -0.42 14.95
C ALA B 131 16.22 -0.98 16.28
N ASN B 132 15.56 -0.15 17.08
CA ASN B 132 15.11 -0.51 18.42
C ASN B 132 13.63 -0.94 18.36
N THR B 133 13.38 -2.24 18.53
CA THR B 133 12.03 -2.78 18.42
C THR B 133 11.28 -2.65 19.74
N ALA B 134 12.01 -2.39 20.84
CA ALA B 134 11.39 -2.08 22.11
C ALA B 134 10.75 -0.70 22.04
N ALA B 135 11.57 0.31 21.69
CA ALA B 135 11.11 1.68 21.51
C ALA B 135 9.97 1.72 20.49
N ALA B 136 10.08 0.87 19.44
CA ALA B 136 9.08 0.80 18.39
C ALA B 136 7.71 0.47 18.96
N TYR B 137 7.65 -0.56 19.82
CA TYR B 137 6.39 -0.97 20.45
C TYR B 137 5.85 0.14 21.36
N ALA B 138 6.74 0.77 22.14
CA ALA B 138 6.33 1.79 23.09
C ALA B 138 5.60 2.94 22.37
N GLU B 139 6.06 3.26 21.15
CA GLU B 139 5.54 4.40 20.41
C GLU B 139 4.21 4.08 19.74
N LEU B 140 3.92 2.78 19.54
CA LEU B 140 2.67 2.37 18.90
C LEU B 140 1.49 3.04 19.60
N PRO B 141 0.56 3.67 18.84
CA PRO B 141 -0.76 4.05 19.39
C PRO B 141 -1.47 2.84 19.97
N GLU B 142 -2.42 3.08 20.89
CA GLU B 142 -3.05 1.99 21.62
C GLU B 142 -3.67 0.99 20.65
N PRO B 143 -4.44 1.44 19.62
CA PRO B 143 -5.06 0.49 18.68
C PRO B 143 -4.08 -0.48 18.02
N LEU B 144 -2.89 0.02 17.66
CA LEU B 144 -1.88 -0.79 17.02
C LEU B 144 -1.23 -1.75 18.02
N LYS B 145 -1.27 -1.40 19.31
CA LYS B 145 -0.82 -2.30 20.36
C LYS B 145 -1.79 -3.48 20.45
N CYS B 146 -3.10 -3.18 20.46
CA CYS B 146 -4.14 -4.19 20.47
C CYS B 146 -3.86 -5.22 19.37
N LEU B 147 -3.58 -4.72 18.16
CA LEU B 147 -3.33 -5.56 17.01
C LEU B 147 -2.10 -6.43 17.25
N THR B 148 -0.97 -5.78 17.55
CA THR B 148 0.32 -6.44 17.63
C THR B 148 0.37 -7.44 18.78
N GLU B 149 -0.17 -7.05 19.94
CA GLU B 149 -0.23 -7.91 21.11
C GLU B 149 -0.91 -9.23 20.75
N ASN B 150 -1.92 -9.16 19.89
CA ASN B 150 -2.77 -10.30 19.56
C ASN B 150 -2.39 -10.89 18.21
N LEU B 151 -1.37 -10.33 17.55
CA LEU B 151 -0.97 -10.77 16.23
C LEU B 151 0.21 -11.74 16.35
N TRP B 152 0.13 -12.84 15.59
CA TRP B 152 1.21 -13.80 15.45
C TRP B 152 1.70 -13.79 14.01
N ALA B 153 2.93 -14.27 13.80
CA ALA B 153 3.58 -14.18 12.50
C ALA B 153 4.33 -15.48 12.20
N LEU B 154 4.19 -15.96 10.96
CA LEU B 154 4.95 -17.11 10.50
C LEU B 154 6.28 -16.62 9.93
N HIS B 155 7.39 -17.05 10.56
CA HIS B 155 8.74 -16.78 10.08
C HIS B 155 9.27 -18.03 9.38
N THR B 156 10.16 -17.83 8.40
CA THR B 156 10.67 -18.93 7.60
C THR B 156 12.01 -18.53 6.99
N ASN B 157 12.81 -19.54 6.60
CA ASN B 157 14.07 -19.33 5.90
C ASN B 157 13.84 -19.34 4.39
N ARG B 158 12.65 -18.91 3.96
CA ARG B 158 12.34 -18.66 2.56
C ARG B 158 12.58 -19.92 1.73
N PRO B 181 17.39 -27.49 4.36
CA PRO B 181 16.72 -27.12 5.62
C PRO B 181 15.43 -26.35 5.38
N ASP B 182 14.46 -26.50 6.30
CA ASP B 182 13.16 -25.89 6.17
C ASP B 182 12.63 -25.52 7.55
N PHE B 183 13.05 -24.35 8.05
CA PHE B 183 12.61 -23.83 9.34
C PHE B 183 11.35 -23.00 9.15
N ARG B 184 10.31 -23.28 9.95
CA ARG B 184 9.09 -22.50 9.95
C ARG B 184 8.56 -22.40 11.38
N THR B 185 8.36 -21.17 11.84
CA THR B 185 8.01 -20.90 13.24
C THR B 185 6.95 -19.82 13.31
N GLU B 186 5.97 -20.01 14.19
CA GLU B 186 4.98 -18.99 14.48
C GLU B 186 5.38 -18.28 15.77
N HIS B 187 5.94 -17.08 15.61
CA HIS B 187 6.33 -16.24 16.73
C HIS B 187 5.23 -15.22 17.01
N PRO B 188 5.13 -14.71 18.26
CA PRO B 188 4.31 -13.53 18.52
C PRO B 188 4.99 -12.28 17.97
N VAL B 189 4.18 -11.35 17.46
CA VAL B 189 4.68 -10.09 16.92
C VAL B 189 5.15 -9.19 18.06
N VAL B 190 4.66 -9.45 19.29
CA VAL B 190 5.19 -8.79 20.48
C VAL B 190 5.64 -9.85 21.48
N ARG B 191 6.95 -9.86 21.78
CA ARG B 191 7.49 -10.71 22.81
C ARG B 191 7.83 -9.86 24.04
N VAL B 192 7.73 -10.48 25.22
CA VAL B 192 8.17 -9.90 26.47
C VAL B 192 9.63 -10.30 26.68
N HIS B 193 10.50 -9.30 26.94
CA HIS B 193 11.93 -9.55 27.02
C HIS B 193 12.27 -10.19 28.36
N PRO B 194 12.99 -11.34 28.37
CA PRO B 194 13.35 -12.02 29.62
C PRO B 194 13.96 -11.16 30.72
N GLU B 195 14.97 -10.35 30.38
CA GLU B 195 15.74 -9.61 31.38
C GLU B 195 15.04 -8.29 31.71
N THR B 196 14.75 -7.48 30.69
CA THR B 196 14.20 -6.15 30.88
C THR B 196 12.70 -6.22 31.18
N GLY B 197 12.03 -7.25 30.64
CA GLY B 197 10.59 -7.38 30.78
C GLY B 197 9.82 -6.48 29.81
N GLU B 198 10.56 -5.77 28.94
CA GLU B 198 9.97 -4.85 27.99
C GLU B 198 9.32 -5.65 26.86
N ARG B 199 8.34 -5.02 26.19
CA ARG B 199 7.70 -5.60 25.03
C ARG B 199 8.39 -5.08 23.77
N THR B 200 8.71 -6.01 22.86
CA THR B 200 9.47 -5.71 21.66
C THR B 200 8.76 -6.29 20.45
N LEU B 201 8.71 -5.53 19.35
CA LEU B 201 8.11 -6.00 18.12
C LEU B 201 9.05 -7.02 17.47
N LEU B 202 8.49 -8.16 17.08
CA LEU B 202 9.26 -9.22 16.45
C LEU B 202 8.76 -9.43 15.02
N ALA B 203 9.57 -8.99 14.05
CA ALA B 203 9.23 -9.06 12.65
C ALA B 203 10.50 -9.23 11.83
N GLY B 204 10.62 -8.50 10.72
CA GLY B 204 11.82 -8.56 9.89
C GLY B 204 11.60 -9.41 8.65
N ASP B 205 12.68 -9.62 7.88
CA ASP B 205 12.59 -10.11 6.51
C ASP B 205 12.20 -11.58 6.47
N PHE B 206 12.32 -12.30 7.59
CA PHE B 206 11.98 -13.72 7.61
C PHE B 206 10.48 -13.91 7.73
N VAL B 207 9.74 -12.84 8.08
CA VAL B 207 8.30 -12.91 8.19
C VAL B 207 7.69 -13.23 6.83
N ARG B 208 6.96 -14.34 6.75
CA ARG B 208 6.28 -14.76 5.54
C ARG B 208 4.86 -14.20 5.53
N SER B 209 4.17 -14.28 6.67
CA SER B 209 2.76 -13.93 6.76
C SER B 209 2.33 -13.76 8.21
N PHE B 210 1.10 -13.29 8.41
CA PHE B 210 0.48 -13.24 9.73
C PHE B 210 -0.64 -14.27 9.79
N VAL B 211 -0.73 -14.95 10.95
CA VAL B 211 -1.71 -16.01 11.16
C VAL B 211 -3.11 -15.38 11.15
N GLY B 212 -4.02 -16.01 10.39
CA GLY B 212 -5.41 -15.59 10.32
C GLY B 212 -5.68 -14.51 9.28
N LEU B 213 -4.62 -13.95 8.68
CA LEU B 213 -4.75 -12.87 7.71
C LEU B 213 -4.29 -13.34 6.34
N ASP B 214 -4.88 -12.75 5.29
CA ASP B 214 -4.57 -13.13 3.92
C ASP B 214 -3.32 -12.38 3.45
N SER B 215 -2.87 -12.71 2.23
CA SER B 215 -1.60 -12.22 1.71
C SER B 215 -1.54 -10.70 1.70
N HIS B 216 -2.56 -10.05 1.14
CA HIS B 216 -2.57 -8.61 0.99
C HIS B 216 -2.51 -7.94 2.36
N GLU B 217 -3.38 -8.37 3.27
CA GLU B 217 -3.47 -7.81 4.61
C GLU B 217 -2.11 -7.93 5.31
N SER B 218 -1.52 -9.13 5.21
CA SER B 218 -0.27 -9.45 5.88
C SER B 218 0.82 -8.47 5.48
N ARG B 219 1.04 -8.34 4.16
CA ARG B 219 2.15 -7.57 3.63
C ARG B 219 1.93 -6.09 3.93
N VAL B 220 0.67 -5.67 3.91
CA VAL B 220 0.30 -4.29 4.17
C VAL B 220 0.62 -3.92 5.62
N LEU B 221 0.21 -4.78 6.57
CA LEU B 221 0.43 -4.54 7.98
C LEU B 221 1.92 -4.66 8.32
N PHE B 222 2.58 -5.65 7.72
CA PHE B 222 4.01 -5.85 7.87
C PHE B 222 4.77 -4.56 7.59
N GLU B 223 4.41 -3.87 6.49
CA GLU B 223 5.09 -2.66 6.07
C GLU B 223 4.74 -1.50 7.01
N VAL B 224 3.55 -1.53 7.61
CA VAL B 224 3.15 -0.53 8.58
C VAL B 224 4.13 -0.56 9.76
N LEU B 225 4.45 -1.77 10.23
CA LEU B 225 5.29 -1.95 11.41
C LEU B 225 6.75 -1.65 11.09
N GLN B 226 7.26 -2.23 9.99
CA GLN B 226 8.63 -2.04 9.57
C GLN B 226 8.92 -0.56 9.36
N ARG B 227 7.92 0.19 8.86
CA ARG B 227 8.07 1.63 8.66
C ARG B 227 8.34 2.32 9.99
N ARG B 228 7.65 1.89 11.05
CA ARG B 228 7.80 2.47 12.37
C ARG B 228 9.12 2.05 13.00
N ILE B 229 9.48 0.76 12.83
CA ILE B 229 10.70 0.20 13.39
C ILE B 229 11.92 0.89 12.78
N THR B 230 11.94 1.00 11.45
CA THR B 230 13.12 1.43 10.71
C THR B 230 13.13 2.94 10.53
N MET B 231 12.16 3.64 11.12
CA MET B 231 12.09 5.09 11.09
C MET B 231 13.44 5.64 11.54
N PRO B 232 14.04 6.64 10.85
CA PRO B 232 15.37 7.11 11.19
C PRO B 232 15.60 7.45 12.66
N GLU B 233 14.62 8.11 13.29
CA GLU B 233 14.71 8.50 14.69
C GLU B 233 15.01 7.30 15.58
N ASN B 234 14.46 6.14 15.20
CA ASN B 234 14.52 4.92 15.99
C ASN B 234 15.68 4.03 15.54
N THR B 235 16.66 4.59 14.83
CA THR B 235 17.76 3.80 14.29
C THR B 235 19.10 4.50 14.52
N ILE B 236 20.18 3.73 14.35
CA ILE B 236 21.52 4.26 14.33
C ILE B 236 22.30 3.60 13.19
N ARG B 237 23.18 4.39 12.58
CA ARG B 237 24.02 3.96 11.47
C ARG B 237 25.48 4.08 11.91
N TRP B 238 26.20 2.96 11.84
CA TRP B 238 27.56 2.90 12.37
C TRP B 238 28.57 2.96 11.24
N ASN B 239 29.40 4.01 11.26
CA ASN B 239 30.55 4.12 10.38
C ASN B 239 31.70 3.34 11.00
N TRP B 240 32.05 2.21 10.37
CA TRP B 240 33.04 1.28 10.91
C TRP B 240 34.44 1.83 10.73
N ALA B 241 35.21 1.81 11.84
CA ALA B 241 36.65 2.04 11.82
C ALA B 241 37.35 0.77 12.29
N PRO B 242 38.62 0.51 11.90
CA PRO B 242 39.36 -0.64 12.41
C PRO B 242 39.41 -0.61 13.94
N GLY B 243 39.21 -1.79 14.55
CA GLY B 243 39.27 -1.93 16.00
C GLY B 243 37.90 -1.74 16.67
N ASP B 244 36.89 -1.35 15.88
CA ASP B 244 35.56 -1.15 16.41
C ASP B 244 34.92 -2.51 16.71
N VAL B 245 34.20 -2.57 17.84
CA VAL B 245 33.42 -3.74 18.21
C VAL B 245 31.99 -3.28 18.49
N ALA B 246 31.01 -4.07 18.04
CA ALA B 246 29.61 -3.77 18.26
C ALA B 246 28.94 -4.98 18.92
N ILE B 247 28.15 -4.70 19.97
CA ILE B 247 27.33 -5.70 20.63
C ILE B 247 25.89 -5.22 20.65
N TRP B 248 24.95 -6.08 20.24
CA TRP B 248 23.55 -5.70 20.18
C TRP B 248 22.67 -6.80 20.77
N ASP B 249 21.52 -6.37 21.30
CA ASP B 249 20.50 -7.24 21.87
C ASP B 249 19.53 -7.64 20.75
N ASN B 250 19.64 -8.89 20.28
CA ASN B 250 18.92 -9.36 19.12
C ASN B 250 17.46 -9.64 19.48
N ARG B 251 17.12 -9.51 20.76
CA ARG B 251 15.75 -9.69 21.24
C ARG B 251 15.01 -8.36 21.28
N ALA B 252 15.70 -7.26 20.96
CA ALA B 252 15.09 -5.94 21.02
C ALA B 252 15.54 -5.07 19.84
N THR B 253 16.09 -5.69 18.79
CA THR B 253 16.56 -4.93 17.63
C THR B 253 16.34 -5.70 16.33
N GLN B 254 16.33 -4.94 15.23
CA GLN B 254 16.64 -5.43 13.90
C GLN B 254 17.89 -4.71 13.43
N HIS B 255 18.64 -5.34 12.54
CA HIS B 255 19.82 -4.74 11.93
C HIS B 255 19.77 -4.94 10.42
N ARG B 256 20.53 -4.10 9.71
CA ARG B 256 20.59 -4.13 8.25
C ARG B 256 21.98 -3.72 7.82
N ALA B 257 22.64 -4.57 7.04
CA ALA B 257 23.89 -4.22 6.38
C ALA B 257 23.58 -3.29 5.20
N ILE B 258 24.48 -2.35 4.93
CA ILE B 258 24.35 -1.48 3.78
C ILE B 258 25.45 -1.85 2.77
N ASP B 259 25.02 -2.20 1.55
CA ASP B 259 25.92 -2.58 0.47
C ASP B 259 26.25 -1.34 -0.35
N ASP B 260 27.03 -0.42 0.25
CA ASP B 260 27.37 0.85 -0.37
C ASP B 260 28.89 0.97 -0.48
N TYR B 261 29.56 -0.16 -0.74
CA TYR B 261 31.01 -0.18 -0.88
C TYR B 261 31.37 -0.90 -2.18
N ASP B 262 30.46 -0.83 -3.17
CA ASP B 262 30.60 -1.55 -4.42
C ASP B 262 30.92 -3.02 -4.09
N ASP B 263 31.98 -3.57 -4.68
CA ASP B 263 32.37 -4.94 -4.44
C ASP B 263 33.79 -4.96 -3.88
N GLN B 264 34.07 -4.03 -2.96
CA GLN B 264 35.33 -4.02 -2.23
C GLN B 264 35.32 -5.14 -1.20
N HIS B 265 36.52 -5.57 -0.78
CA HIS B 265 36.66 -6.63 0.18
C HIS B 265 36.22 -6.14 1.56
N ARG B 266 35.32 -6.91 2.20
CA ARG B 266 34.91 -6.64 3.56
C ARG B 266 34.78 -7.97 4.30
N LEU B 267 35.22 -7.98 5.57
CA LEU B 267 35.09 -9.15 6.43
C LEU B 267 35.00 -8.69 7.88
N MET B 268 33.97 -9.19 8.57
CA MET B 268 33.82 -9.00 10.01
C MET B 268 34.02 -10.36 10.66
N HIS B 269 34.03 -10.40 12.00
CA HIS B 269 33.92 -11.64 12.73
C HIS B 269 32.83 -11.51 13.79
N ARG B 270 31.92 -12.49 13.82
CA ARG B 270 30.75 -12.42 14.66
C ARG B 270 30.75 -13.61 15.63
N VAL B 271 30.34 -13.35 16.87
CA VAL B 271 30.12 -14.39 17.86
C VAL B 271 28.70 -14.21 18.40
N THR B 272 27.89 -15.28 18.30
CA THR B 272 26.47 -15.21 18.56
C THR B 272 26.15 -16.00 19.84
N LEU B 273 25.27 -15.42 20.67
CA LEU B 273 24.92 -15.98 21.96
C LEU B 273 23.58 -16.71 21.88
N MET B 274 23.37 -17.65 22.81
CA MET B 274 22.14 -18.43 22.89
C MET B 274 21.01 -17.58 23.45
N GLY B 275 19.84 -17.70 22.83
CA GLY B 275 18.62 -17.08 23.32
C GLY B 275 17.55 -18.12 23.65
N ASP B 276 16.45 -17.65 24.24
CA ASP B 276 15.34 -18.49 24.62
C ASP B 276 14.21 -18.33 23.61
N VAL B 277 13.16 -19.15 23.78
CA VAL B 277 11.96 -19.06 22.94
C VAL B 277 11.15 -17.84 23.39
N PRO B 278 10.76 -16.93 22.46
CA PRO B 278 9.90 -15.81 22.82
C PRO B 278 8.57 -16.24 23.42
N VAL B 279 8.05 -15.43 24.36
CA VAL B 279 6.73 -15.63 24.93
C VAL B 279 5.91 -14.35 24.74
N ASP B 280 4.64 -14.51 24.36
CA ASP B 280 3.76 -13.38 24.13
C ASP B 280 3.41 -12.76 25.48
N VAL B 281 2.62 -11.67 25.45
CA VAL B 281 2.26 -10.94 26.65
C VAL B 281 1.33 -11.80 27.53
N TYR B 282 0.62 -12.75 26.91
CA TYR B 282 -0.27 -13.64 27.64
C TYR B 282 0.51 -14.79 28.28
N GLY B 283 1.71 -15.08 27.75
CA GLY B 283 2.59 -16.09 28.33
C GLY B 283 2.72 -17.33 27.44
N GLN B 284 2.03 -17.33 26.30
CA GLN B 284 2.14 -18.41 25.31
C GLN B 284 3.47 -18.29 24.58
N ALA B 285 4.15 -19.43 24.40
CA ALA B 285 5.45 -19.47 23.74
C ALA B 285 5.28 -19.71 22.25
N SER B 286 6.35 -19.40 21.49
CA SER B 286 6.39 -19.58 20.05
C SER B 286 6.17 -21.06 19.69
N ARG B 287 5.56 -21.29 18.53
CA ARG B 287 5.21 -22.63 18.08
C ARG B 287 6.14 -23.02 16.93
N VAL B 288 6.81 -24.16 17.08
CA VAL B 288 7.57 -24.77 16.00
C VAL B 288 6.60 -25.47 15.05
N ILE B 289 6.73 -25.22 13.75
CA ILE B 289 5.98 -25.95 12.74
C ILE B 289 6.92 -26.97 12.09
N SER B 290 8.09 -26.51 11.63
CA SER B 290 9.11 -27.37 11.06
C SER B 290 10.49 -26.92 11.53
N GLY B 291 11.45 -27.86 11.51
CA GLY B 291 12.82 -27.58 11.86
C GLY B 291 13.07 -27.68 13.37
N ALA B 292 14.31 -28.02 13.73
CA ALA B 292 14.69 -28.19 15.12
C ALA B 292 15.12 -26.85 15.72
N PRO B 293 15.16 -26.71 17.06
CA PRO B 293 15.76 -25.54 17.71
C PRO B 293 17.28 -25.52 17.51
N MET B 294 17.90 -24.40 17.88
CA MET B 294 19.34 -24.25 17.79
C MET B 294 20.00 -24.97 18.97
N GLU B 295 21.01 -25.81 18.67
CA GLU B 295 21.71 -26.59 19.68
C GLU B 295 22.91 -25.80 20.21
N ILE B 296 23.62 -26.41 21.18
CA ILE B 296 24.83 -25.87 21.79
C ILE B 296 24.50 -24.52 22.44
N ILE C 8 -32.74 -9.84 -34.40
CA ILE C 8 -31.57 -10.05 -33.50
C ILE C 8 -31.11 -8.70 -32.96
N THR C 9 -31.83 -8.20 -31.94
CA THR C 9 -31.47 -6.95 -31.28
C THR C 9 -30.36 -7.23 -30.26
N VAL C 10 -29.58 -6.19 -29.94
CA VAL C 10 -28.49 -6.30 -29.00
C VAL C 10 -28.62 -5.14 -28.00
N LYS C 11 -29.07 -5.47 -26.79
CA LYS C 11 -29.33 -4.50 -25.74
C LYS C 11 -28.03 -4.24 -24.96
N LYS C 12 -27.67 -2.96 -24.85
CA LYS C 12 -26.49 -2.54 -24.09
C LYS C 12 -26.85 -2.53 -22.61
N LEU C 13 -26.03 -3.19 -21.78
CA LEU C 13 -26.31 -3.36 -20.36
C LEU C 13 -25.62 -2.28 -19.55
N GLY C 14 -24.32 -2.08 -19.80
CA GLY C 14 -23.54 -1.07 -19.11
C GLY C 14 -22.76 -0.19 -20.09
N SER C 15 -22.20 0.90 -19.57
CA SER C 15 -21.52 1.90 -20.38
C SER C 15 -20.27 1.33 -21.04
N ARG C 16 -19.57 0.44 -20.33
CA ARG C 16 -18.26 -0.02 -20.77
C ARG C 16 -18.23 -1.54 -20.98
N ILE C 17 -19.27 -2.26 -20.55
CA ILE C 17 -19.28 -3.70 -20.66
C ILE C 17 -20.72 -4.24 -20.57
N GLY C 18 -20.94 -5.38 -21.23
CA GLY C 18 -22.16 -6.16 -21.07
C GLY C 18 -23.20 -5.82 -22.13
N ALA C 19 -23.74 -6.87 -22.76
CA ALA C 19 -24.87 -6.72 -23.68
C ALA C 19 -25.78 -7.95 -23.59
N GLN C 20 -27.09 -7.74 -23.71
CA GLN C 20 -28.04 -8.83 -23.83
C GLN C 20 -28.46 -8.95 -25.30
N ILE C 21 -28.60 -10.18 -25.77
CA ILE C 21 -28.95 -10.44 -27.16
C ILE C 21 -30.26 -11.20 -27.21
N ASP C 22 -31.27 -10.56 -27.84
CA ASP C 22 -32.61 -11.12 -27.95
C ASP C 22 -32.82 -11.70 -29.35
N GLY C 23 -33.88 -12.51 -29.49
CA GLY C 23 -34.35 -12.96 -30.78
C GLY C 23 -33.45 -14.02 -31.41
N VAL C 24 -32.72 -14.78 -30.58
CA VAL C 24 -31.83 -15.83 -31.05
C VAL C 24 -32.05 -17.09 -30.22
N ARG C 25 -32.03 -18.25 -30.90
CA ARG C 25 -32.12 -19.53 -30.24
C ARG C 25 -30.80 -20.27 -30.47
N LEU C 26 -29.96 -20.31 -29.42
CA LEU C 26 -28.61 -20.84 -29.54
C LEU C 26 -28.67 -22.32 -29.91
N GLY C 27 -27.79 -22.71 -30.85
CA GLY C 27 -27.73 -24.09 -31.32
C GLY C 27 -26.75 -24.22 -32.48
N GLY C 28 -26.45 -25.48 -32.83
CA GLY C 28 -25.48 -25.79 -33.88
C GLY C 28 -25.95 -25.35 -35.27
N ASP C 29 -27.26 -25.47 -35.51
CA ASP C 29 -27.84 -25.13 -36.81
C ASP C 29 -28.29 -23.67 -36.79
N LEU C 30 -27.32 -22.75 -36.82
CA LEU C 30 -27.58 -21.33 -36.80
C LEU C 30 -27.10 -20.68 -38.09
N ASP C 31 -27.63 -19.48 -38.37
CA ASP C 31 -27.37 -18.75 -39.58
C ASP C 31 -25.98 -18.13 -39.51
N PRO C 32 -25.22 -18.03 -40.64
CA PRO C 32 -23.94 -17.32 -40.66
C PRO C 32 -24.04 -15.86 -40.22
N ALA C 33 -25.06 -15.16 -40.73
CA ALA C 33 -25.25 -13.75 -40.45
C ALA C 33 -25.56 -13.52 -38.97
N ALA C 34 -26.24 -14.50 -38.35
CA ALA C 34 -26.54 -14.45 -36.93
C ALA C 34 -25.26 -14.54 -36.12
N VAL C 35 -24.40 -15.51 -36.47
CA VAL C 35 -23.16 -15.75 -35.74
C VAL C 35 -22.28 -14.50 -35.78
N ASN C 36 -22.26 -13.80 -36.92
CA ASN C 36 -21.42 -12.62 -37.10
C ASN C 36 -21.93 -11.46 -36.25
N GLU C 37 -23.25 -11.42 -35.99
CA GLU C 37 -23.82 -10.43 -35.09
C GLU C 37 -23.38 -10.71 -33.65
N ILE C 38 -23.28 -12.00 -33.31
CA ILE C 38 -22.91 -12.42 -31.97
C ILE C 38 -21.43 -12.09 -31.71
N ARG C 39 -20.56 -12.53 -32.61
CA ARG C 39 -19.14 -12.24 -32.51
C ARG C 39 -18.92 -10.72 -32.43
N ALA C 40 -19.60 -9.97 -33.31
CA ALA C 40 -19.48 -8.51 -33.34
C ALA C 40 -19.89 -7.91 -31.99
N ALA C 41 -20.93 -8.48 -31.38
CA ALA C 41 -21.42 -8.01 -30.08
C ALA C 41 -20.49 -8.47 -28.97
N LEU C 42 -19.92 -9.67 -29.12
CA LEU C 42 -18.99 -10.23 -28.16
C LEU C 42 -17.73 -9.36 -28.08
N LEU C 43 -17.13 -9.09 -29.24
CA LEU C 43 -15.90 -8.31 -29.33
C LEU C 43 -16.12 -6.90 -28.78
N ALA C 44 -17.29 -6.33 -29.07
CA ALA C 44 -17.59 -4.95 -28.70
C ALA C 44 -17.86 -4.83 -27.20
N HIS C 45 -18.70 -5.73 -26.67
CA HIS C 45 -19.25 -5.59 -25.33
C HIS C 45 -18.61 -6.57 -24.34
N LYS C 46 -17.75 -7.46 -24.85
CA LYS C 46 -16.83 -8.26 -24.05
C LYS C 46 -17.55 -9.44 -23.39
N VAL C 47 -18.78 -9.23 -22.91
CA VAL C 47 -19.60 -10.33 -22.42
C VAL C 47 -21.04 -10.13 -22.88
N VAL C 48 -21.62 -11.22 -23.41
CA VAL C 48 -22.97 -11.18 -23.96
C VAL C 48 -23.81 -12.26 -23.28
N PHE C 49 -25.11 -11.98 -23.13
CA PHE C 49 -26.03 -12.81 -22.36
C PHE C 49 -27.24 -13.19 -23.20
N PHE C 50 -27.72 -14.42 -22.99
CA PHE C 50 -28.86 -14.96 -23.71
C PHE C 50 -29.87 -15.53 -22.71
N ARG C 51 -31.02 -14.88 -22.61
CA ARG C 51 -32.11 -15.34 -21.76
C ARG C 51 -32.93 -16.40 -22.51
N GLY C 52 -33.68 -17.20 -21.74
CA GLY C 52 -34.73 -18.05 -22.26
C GLY C 52 -34.23 -19.26 -23.04
N GLN C 53 -32.93 -19.59 -22.91
CA GLN C 53 -32.33 -20.66 -23.68
C GLN C 53 -32.57 -21.99 -22.97
N HIS C 54 -33.85 -22.36 -22.83
CA HIS C 54 -34.23 -23.55 -22.08
C HIS C 54 -34.09 -24.81 -22.96
N GLN C 55 -33.85 -24.62 -24.27
CA GLN C 55 -33.69 -25.72 -25.20
C GLN C 55 -32.32 -26.39 -25.01
N LEU C 56 -31.34 -25.64 -24.48
CA LEU C 56 -29.95 -26.05 -24.55
C LEU C 56 -29.67 -27.22 -23.61
N ASP C 57 -28.97 -28.24 -24.15
CA ASP C 57 -28.29 -29.24 -23.35
C ASP C 57 -26.79 -29.07 -23.61
N ASP C 58 -25.99 -30.06 -23.20
CA ASP C 58 -24.55 -30.00 -23.37
C ASP C 58 -24.20 -30.00 -24.87
N ALA C 59 -24.70 -31.01 -25.59
CA ALA C 59 -24.30 -31.27 -26.96
C ALA C 59 -24.71 -30.12 -27.89
N GLU C 60 -25.80 -29.43 -27.55
CA GLU C 60 -26.28 -28.31 -28.33
C GLU C 60 -25.39 -27.08 -28.08
N GLN C 61 -24.96 -26.92 -26.82
CA GLN C 61 -24.09 -25.82 -26.42
C GLN C 61 -22.69 -26.02 -27.00
N LEU C 62 -22.26 -27.29 -27.10
CA LEU C 62 -20.94 -27.64 -27.64
C LEU C 62 -20.91 -27.38 -29.14
N ALA C 63 -22.03 -27.65 -29.82
CA ALA C 63 -22.15 -27.45 -31.26
C ALA C 63 -22.21 -25.95 -31.58
N PHE C 64 -22.88 -25.19 -30.72
CA PHE C 64 -22.98 -23.74 -30.87
C PHE C 64 -21.61 -23.08 -30.68
N ALA C 65 -20.85 -23.60 -29.71
CA ALA C 65 -19.51 -23.10 -29.43
C ALA C 65 -18.60 -23.34 -30.64
N GLY C 66 -18.81 -24.47 -31.33
CA GLY C 66 -18.03 -24.85 -32.49
C GLY C 66 -18.11 -23.84 -33.64
N LEU C 67 -19.17 -23.03 -33.66
CA LEU C 67 -19.33 -21.98 -34.66
C LEU C 67 -18.42 -20.80 -34.35
N LEU C 68 -18.35 -20.41 -33.07
CA LEU C 68 -17.62 -19.22 -32.65
C LEU C 68 -16.12 -19.44 -32.68
N GLY C 69 -15.68 -20.67 -32.36
CA GLY C 69 -14.28 -21.00 -32.35
C GLY C 69 -14.05 -22.51 -32.26
N THR C 70 -12.91 -22.90 -31.69
CA THR C 70 -12.56 -24.31 -31.52
C THR C 70 -12.65 -24.66 -30.04
N PRO C 71 -13.63 -25.49 -29.62
CA PRO C 71 -13.66 -26.03 -28.26
C PRO C 71 -12.40 -26.84 -27.90
N ILE C 72 -12.09 -26.89 -26.60
CA ILE C 72 -10.93 -27.63 -26.11
C ILE C 72 -11.35 -29.09 -25.90
N ASN C 98 -13.68 -17.04 -4.15
CA ASN C 98 -12.94 -16.89 -5.43
C ASN C 98 -12.51 -15.42 -5.56
N ARG C 99 -11.58 -15.14 -6.49
CA ARG C 99 -11.13 -13.79 -6.74
C ARG C 99 -10.78 -13.60 -8.21
N TRP C 100 -10.61 -12.33 -8.60
CA TRP C 100 -10.55 -11.90 -9.99
C TRP C 100 -9.44 -12.62 -10.75
N HIS C 101 -9.77 -13.09 -11.96
CA HIS C 101 -8.82 -13.80 -12.79
C HIS C 101 -9.25 -13.75 -14.25
N THR C 102 -8.25 -13.84 -15.13
CA THR C 102 -8.44 -14.30 -16.50
C THR C 102 -8.09 -15.79 -16.52
N ASP C 103 -8.92 -16.61 -17.17
CA ASP C 103 -8.81 -18.05 -17.06
C ASP C 103 -7.48 -18.53 -17.64
N VAL C 104 -6.70 -19.22 -16.80
CA VAL C 104 -5.56 -20.04 -17.20
C VAL C 104 -4.46 -19.16 -17.81
N THR C 105 -4.18 -18.02 -17.19
CA THR C 105 -3.15 -17.11 -17.70
C THR C 105 -1.75 -17.61 -17.30
N PHE C 106 -1.67 -18.58 -16.39
CA PHE C 106 -0.42 -19.26 -16.11
C PHE C 106 0.05 -20.03 -17.34
N ALA C 107 -0.90 -20.40 -18.21
CA ALA C 107 -0.58 -21.00 -19.51
C ALA C 107 -0.36 -19.89 -20.53
N ALA C 108 0.40 -20.22 -21.59
CA ALA C 108 0.79 -19.26 -22.61
C ALA C 108 -0.34 -19.07 -23.61
N ASN C 109 -0.98 -20.18 -24.01
CA ASN C 109 -2.05 -20.16 -25.00
C ASN C 109 -3.39 -20.29 -24.28
N TYR C 110 -3.75 -19.25 -23.51
CA TYR C 110 -4.90 -19.33 -22.63
C TYR C 110 -6.17 -19.02 -23.42
N PRO C 111 -7.34 -19.56 -23.00
CA PRO C 111 -8.59 -19.48 -23.76
C PRO C 111 -9.01 -18.11 -24.32
N ALA C 112 -9.67 -18.16 -25.49
CA ALA C 112 -10.15 -16.97 -26.18
C ALA C 112 -11.49 -16.53 -25.61
N ALA C 113 -12.34 -17.52 -25.30
CA ALA C 113 -13.69 -17.25 -24.83
C ALA C 113 -14.23 -18.48 -24.11
N SER C 114 -15.39 -18.28 -23.46
CA SER C 114 -16.11 -19.36 -22.83
C SER C 114 -17.61 -19.16 -23.03
N VAL C 115 -18.32 -20.28 -23.23
CA VAL C 115 -19.78 -20.30 -23.22
C VAL C 115 -20.21 -21.01 -21.95
N LEU C 116 -20.95 -20.30 -21.09
CA LEU C 116 -21.30 -20.81 -19.78
C LEU C 116 -22.83 -20.86 -19.66
N ARG C 117 -23.35 -22.02 -19.29
CA ARG C 117 -24.77 -22.24 -19.13
C ARG C 117 -25.06 -22.62 -17.66
N ALA C 118 -26.19 -22.13 -17.15
CA ALA C 118 -26.71 -22.54 -15.85
C ALA C 118 -27.54 -23.81 -16.03
N VAL C 119 -27.29 -24.82 -15.18
CA VAL C 119 -28.12 -26.01 -15.15
C VAL C 119 -28.89 -26.06 -13.82
N SER C 120 -28.23 -25.65 -12.73
CA SER C 120 -28.80 -25.72 -11.39
C SER C 120 -28.32 -24.54 -10.56
N LEU C 121 -29.24 -23.60 -10.28
CA LEU C 121 -28.93 -22.38 -9.57
C LEU C 121 -29.49 -22.43 -8.15
N PRO C 122 -28.83 -21.80 -7.15
CA PRO C 122 -29.36 -21.71 -5.79
C PRO C 122 -30.48 -20.69 -5.68
N SER C 123 -31.24 -20.75 -4.58
CA SER C 123 -32.43 -19.95 -4.39
C SER C 123 -32.08 -18.47 -4.16
N TYR C 124 -30.84 -18.19 -3.77
CA TYR C 124 -30.37 -16.83 -3.63
C TYR C 124 -28.86 -16.78 -3.90
N GLY C 125 -28.37 -15.58 -4.26
CA GLY C 125 -26.97 -15.38 -4.59
C GLY C 125 -26.58 -16.11 -5.86
N GLY C 126 -25.26 -16.35 -6.02
CA GLY C 126 -24.73 -17.11 -7.15
C GLY C 126 -24.47 -16.24 -8.38
N SER C 127 -24.43 -14.92 -8.19
CA SER C 127 -24.17 -13.99 -9.28
C SER C 127 -22.68 -14.01 -9.62
N THR C 128 -22.33 -13.43 -10.77
CA THR C 128 -20.96 -13.45 -11.26
C THR C 128 -20.61 -12.07 -11.80
N LEU C 129 -19.31 -11.74 -11.75
CA LEU C 129 -18.80 -10.45 -12.18
C LEU C 129 -17.94 -10.64 -13.43
N TRP C 130 -17.97 -9.63 -14.31
CA TRP C 130 -17.04 -9.51 -15.42
C TRP C 130 -16.46 -8.11 -15.41
N ALA C 131 -15.21 -7.97 -15.88
CA ALA C 131 -14.54 -6.70 -15.97
C ALA C 131 -13.89 -6.57 -17.34
N ASN C 132 -13.92 -5.35 -17.90
CA ASN C 132 -13.45 -5.08 -19.25
C ASN C 132 -12.02 -4.56 -19.18
N THR C 133 -11.06 -5.40 -19.57
CA THR C 133 -9.64 -5.05 -19.50
C THR C 133 -9.22 -4.21 -20.71
N ALA C 134 -10.06 -4.18 -21.76
CA ALA C 134 -9.81 -3.31 -22.90
C ALA C 134 -10.09 -1.85 -22.51
N ALA C 135 -11.25 -1.62 -21.91
CA ALA C 135 -11.63 -0.30 -21.45
C ALA C 135 -10.71 0.14 -20.30
N ALA C 136 -10.28 -0.83 -19.48
CA ALA C 136 -9.35 -0.58 -18.39
C ALA C 136 -8.11 0.12 -18.94
N TYR C 137 -7.54 -0.45 -20.01
CA TYR C 137 -6.36 0.14 -20.66
C TYR C 137 -6.69 1.53 -21.18
N ALA C 138 -7.77 1.64 -21.95
CA ALA C 138 -8.14 2.89 -22.61
C ALA C 138 -8.18 4.05 -21.61
N GLU C 139 -8.70 3.77 -20.41
CA GLU C 139 -8.93 4.80 -19.40
C GLU C 139 -7.69 5.05 -18.55
N LEU C 140 -6.60 4.30 -18.78
CA LEU C 140 -5.35 4.53 -18.05
C LEU C 140 -4.82 5.91 -18.41
N PRO C 141 -4.33 6.70 -17.43
CA PRO C 141 -3.50 7.87 -17.72
C PRO C 141 -2.26 7.46 -18.52
N GLU C 142 -1.77 8.37 -19.35
CA GLU C 142 -0.72 8.08 -20.31
C GLU C 142 0.54 7.58 -19.59
N PRO C 143 0.89 8.10 -18.39
CA PRO C 143 2.00 7.54 -17.62
C PRO C 143 1.87 6.04 -17.35
N LEU C 144 0.66 5.59 -16.98
CA LEU C 144 0.42 4.21 -16.63
C LEU C 144 0.37 3.33 -17.88
N LYS C 145 -0.02 3.91 -19.02
CA LYS C 145 0.07 3.23 -20.31
C LYS C 145 1.55 2.97 -20.62
N CYS C 146 2.37 4.01 -20.48
CA CYS C 146 3.82 3.90 -20.65
C CYS C 146 4.32 2.71 -19.84
N LEU C 147 3.96 2.71 -18.55
CA LEU C 147 4.36 1.67 -17.61
C LEU C 147 3.95 0.30 -18.12
N THR C 148 2.64 0.14 -18.36
CA THR C 148 2.04 -1.18 -18.57
C THR C 148 2.47 -1.75 -19.93
N GLU C 149 2.64 -0.87 -20.93
CA GLU C 149 3.07 -1.27 -22.25
C GLU C 149 4.40 -2.03 -22.19
N ASN C 150 5.29 -1.63 -21.27
CA ASN C 150 6.63 -2.16 -21.19
C ASN C 150 6.76 -3.15 -20.02
N LEU C 151 5.65 -3.37 -19.30
CA LEU C 151 5.66 -4.18 -18.10
C LEU C 151 5.29 -5.62 -18.46
N TRP C 152 5.90 -6.57 -17.76
CA TRP C 152 5.66 -8.00 -17.95
C TRP C 152 5.43 -8.65 -16.60
N ALA C 153 4.42 -9.54 -16.54
CA ALA C 153 4.06 -10.20 -15.30
C ALA C 153 4.39 -11.69 -15.39
N LEU C 154 4.73 -12.29 -14.25
CA LEU C 154 4.91 -13.72 -14.12
C LEU C 154 3.60 -14.35 -13.63
N HIS C 155 2.93 -15.09 -14.53
CA HIS C 155 1.73 -15.82 -14.20
C HIS C 155 2.09 -17.25 -13.79
N THR C 156 1.48 -17.72 -12.69
CA THR C 156 1.72 -19.07 -12.19
C THR C 156 0.45 -19.63 -11.58
N ASN C 157 0.48 -20.92 -11.25
CA ASN C 157 -0.61 -21.60 -10.56
C ASN C 157 -0.23 -21.80 -9.09
N ARG C 158 -0.73 -20.92 -8.23
CA ARG C 158 -0.49 -20.96 -6.79
C ARG C 158 1.01 -20.87 -6.54
N PRO C 181 3.35 -30.05 -10.03
CA PRO C 181 2.80 -29.52 -11.28
C PRO C 181 2.77 -27.99 -11.29
N ASP C 182 3.89 -27.38 -11.69
CA ASP C 182 4.08 -25.94 -11.61
C ASP C 182 4.20 -25.37 -13.02
N PHE C 183 3.23 -24.52 -13.40
CA PHE C 183 3.23 -23.85 -14.69
C PHE C 183 3.56 -22.38 -14.50
N ARG C 184 4.53 -21.87 -15.26
CA ARG C 184 4.97 -20.49 -15.18
C ARG C 184 5.03 -19.88 -16.58
N THR C 185 4.39 -18.72 -16.75
CA THR C 185 4.45 -17.97 -17.99
C THR C 185 4.68 -16.49 -17.68
N GLU C 186 5.53 -15.85 -18.49
CA GLU C 186 5.71 -14.41 -18.45
C GLU C 186 4.89 -13.79 -19.57
N HIS C 187 3.77 -13.14 -19.20
CA HIS C 187 2.92 -12.45 -20.15
C HIS C 187 3.20 -10.96 -20.11
N PRO C 188 2.96 -10.23 -21.22
CA PRO C 188 2.93 -8.77 -21.18
C PRO C 188 1.67 -8.30 -20.46
N VAL C 189 1.81 -7.24 -19.66
CA VAL C 189 0.69 -6.72 -18.90
C VAL C 189 -0.29 -6.05 -19.87
N VAL C 190 0.20 -5.65 -21.05
CA VAL C 190 -0.67 -5.17 -22.12
C VAL C 190 -0.51 -6.10 -23.33
N ARG C 191 -1.64 -6.57 -23.87
CA ARG C 191 -1.64 -7.36 -25.09
C ARG C 191 -2.53 -6.70 -26.13
N VAL C 192 -2.16 -6.87 -27.40
CA VAL C 192 -2.98 -6.41 -28.52
C VAL C 192 -3.93 -7.55 -28.91
N HIS C 193 -5.22 -7.22 -29.03
CA HIS C 193 -6.25 -8.19 -29.34
C HIS C 193 -6.14 -8.61 -30.80
N PRO C 194 -5.97 -9.92 -31.12
CA PRO C 194 -5.82 -10.37 -32.51
C PRO C 194 -6.88 -9.86 -33.49
N GLU C 195 -8.14 -9.82 -33.04
CA GLU C 195 -9.26 -9.56 -33.93
C GLU C 195 -9.60 -8.07 -33.97
N THR C 196 -9.75 -7.44 -32.79
CA THR C 196 -10.15 -6.04 -32.72
C THR C 196 -8.92 -5.12 -32.81
N GLY C 197 -7.76 -5.63 -32.40
CA GLY C 197 -6.54 -4.82 -32.37
C GLY C 197 -6.53 -3.86 -31.17
N GLU C 198 -7.46 -4.06 -30.23
CA GLU C 198 -7.53 -3.25 -29.03
C GLU C 198 -6.42 -3.66 -28.07
N ARG C 199 -5.94 -2.69 -27.28
CA ARG C 199 -5.00 -2.96 -26.21
C ARG C 199 -5.79 -3.29 -24.94
N THR C 200 -5.43 -4.40 -24.30
CA THR C 200 -6.13 -4.90 -23.13
C THR C 200 -5.11 -5.28 -22.06
N LEU C 201 -5.37 -4.84 -20.81
CA LEU C 201 -4.56 -5.23 -19.68
C LEU C 201 -4.72 -6.72 -19.43
N LEU C 202 -3.60 -7.39 -19.14
CA LEU C 202 -3.60 -8.80 -18.77
C LEU C 202 -2.96 -8.96 -17.40
N ALA C 203 -3.79 -9.31 -16.41
CA ALA C 203 -3.38 -9.39 -15.01
C ALA C 203 -4.16 -10.52 -14.33
N GLY C 204 -4.70 -10.27 -13.13
CA GLY C 204 -5.52 -11.26 -12.43
C GLY C 204 -4.73 -12.00 -11.37
N ASP C 205 -5.36 -12.99 -10.73
CA ASP C 205 -4.85 -13.55 -9.49
C ASP C 205 -3.75 -14.58 -9.73
N PHE C 206 -3.44 -14.87 -11.00
CA PHE C 206 -2.35 -15.78 -11.32
C PHE C 206 -1.02 -15.04 -11.37
N VAL C 207 -1.07 -13.71 -11.49
CA VAL C 207 0.11 -12.86 -11.44
C VAL C 207 0.81 -13.07 -10.10
N ARG C 208 2.03 -13.60 -10.17
CA ARG C 208 2.89 -13.80 -9.01
C ARG C 208 3.66 -12.51 -8.75
N SER C 209 4.34 -12.01 -9.79
CA SER C 209 5.20 -10.84 -9.69
C SER C 209 5.41 -10.23 -11.07
N PHE C 210 5.92 -8.98 -11.10
CA PHE C 210 6.30 -8.34 -12.35
C PHE C 210 7.81 -8.46 -12.56
N VAL C 211 8.21 -8.62 -13.82
CA VAL C 211 9.60 -8.81 -14.20
C VAL C 211 10.38 -7.53 -13.89
N GLY C 212 11.50 -7.68 -13.18
CA GLY C 212 12.35 -6.55 -12.82
C GLY C 212 12.03 -5.98 -11.44
N LEU C 213 10.73 -5.86 -11.12
CA LEU C 213 10.29 -5.22 -9.90
C LEU C 213 10.44 -6.18 -8.72
N ASP C 214 10.72 -5.63 -7.54
CA ASP C 214 10.85 -6.41 -6.32
C ASP C 214 9.46 -6.76 -5.80
N SER C 215 9.41 -7.51 -4.70
CA SER C 215 8.17 -8.08 -4.19
C SER C 215 7.18 -6.99 -3.80
N HIS C 216 7.65 -5.97 -3.08
CA HIS C 216 6.80 -4.88 -2.64
C HIS C 216 6.21 -4.14 -3.83
N GLU C 217 7.07 -3.71 -4.76
CA GLU C 217 6.64 -2.98 -5.94
C GLU C 217 5.61 -3.79 -6.75
N SER C 218 5.84 -5.10 -6.88
CA SER C 218 4.95 -5.97 -7.62
C SER C 218 3.53 -5.93 -7.05
N ARG C 219 3.41 -6.24 -5.75
CA ARG C 219 2.11 -6.27 -5.09
C ARG C 219 1.40 -4.93 -5.25
N VAL C 220 2.15 -3.85 -5.04
CA VAL C 220 1.60 -2.51 -4.96
C VAL C 220 1.07 -2.10 -6.34
N LEU C 221 1.89 -2.29 -7.37
CA LEU C 221 1.50 -1.95 -8.74
C LEU C 221 0.38 -2.88 -9.19
N PHE C 222 0.44 -4.16 -8.81
CA PHE C 222 -0.58 -5.14 -9.15
C PHE C 222 -1.96 -4.66 -8.67
N GLU C 223 -2.04 -4.24 -7.41
CA GLU C 223 -3.31 -3.84 -6.80
C GLU C 223 -3.79 -2.52 -7.39
N VAL C 224 -2.85 -1.69 -7.89
CA VAL C 224 -3.20 -0.45 -8.56
C VAL C 224 -3.99 -0.75 -9.83
N LEU C 225 -3.51 -1.72 -10.61
CA LEU C 225 -4.14 -2.11 -11.86
C LEU C 225 -5.49 -2.77 -11.61
N GLN C 226 -5.52 -3.75 -10.69
CA GLN C 226 -6.73 -4.49 -10.38
C GLN C 226 -7.83 -3.55 -9.90
N ARG C 227 -7.46 -2.49 -9.19
CA ARG C 227 -8.42 -1.54 -8.66
C ARG C 227 -9.11 -0.80 -9.81
N ARG C 228 -8.36 -0.54 -10.88
CA ARG C 228 -8.90 0.11 -12.08
C ARG C 228 -9.68 -0.90 -12.92
N ILE C 229 -9.13 -2.11 -13.08
CA ILE C 229 -9.74 -3.15 -13.89
C ILE C 229 -11.10 -3.52 -13.33
N THR C 230 -11.22 -3.57 -11.99
CA THR C 230 -12.42 -4.09 -11.34
C THR C 230 -13.26 -2.97 -10.73
N MET C 231 -13.00 -1.72 -11.15
CA MET C 231 -13.79 -0.60 -10.67
C MET C 231 -15.23 -0.82 -11.11
N PRO C 232 -16.24 -0.69 -10.22
CA PRO C 232 -17.63 -1.01 -10.56
C PRO C 232 -18.13 -0.54 -11.92
N GLU C 233 -17.72 0.66 -12.34
CA GLU C 233 -18.16 1.23 -13.61
C GLU C 233 -17.69 0.36 -14.77
N ASN C 234 -16.57 -0.36 -14.58
CA ASN C 234 -15.92 -1.13 -15.63
C ASN C 234 -16.36 -2.59 -15.55
N THR C 235 -17.37 -2.89 -14.73
CA THR C 235 -17.78 -4.27 -14.49
C THR C 235 -19.28 -4.43 -14.70
N ILE C 236 -19.72 -5.70 -14.74
CA ILE C 236 -21.13 -6.05 -14.76
C ILE C 236 -21.33 -7.27 -13.86
N ARG C 237 -22.41 -7.23 -13.05
CA ARG C 237 -22.74 -8.33 -12.16
C ARG C 237 -24.05 -8.96 -12.63
N TRP C 238 -23.99 -10.25 -12.98
CA TRP C 238 -25.11 -10.93 -13.62
C TRP C 238 -25.85 -11.79 -12.59
N ASN C 239 -27.16 -11.57 -12.49
CA ASN C 239 -28.03 -12.41 -11.68
C ASN C 239 -28.52 -13.58 -12.52
N TRP C 240 -27.91 -14.75 -12.32
CA TRP C 240 -28.23 -15.94 -13.10
C TRP C 240 -29.67 -16.36 -12.87
N ALA C 241 -30.42 -16.54 -13.97
CA ALA C 241 -31.69 -17.25 -13.97
C ALA C 241 -31.55 -18.51 -14.81
N PRO C 242 -32.43 -19.53 -14.65
CA PRO C 242 -32.35 -20.73 -15.49
C PRO C 242 -32.54 -20.40 -16.98
N GLY C 243 -31.86 -21.16 -17.84
CA GLY C 243 -31.90 -20.92 -19.28
C GLY C 243 -31.08 -19.70 -19.70
N ASP C 244 -30.11 -19.30 -18.87
CA ASP C 244 -29.22 -18.20 -19.20
C ASP C 244 -27.91 -18.76 -19.73
N VAL C 245 -27.36 -18.05 -20.73
CA VAL C 245 -26.06 -18.39 -21.30
C VAL C 245 -25.26 -17.11 -21.43
N ALA C 246 -24.03 -17.13 -20.88
CA ALA C 246 -23.10 -16.03 -21.02
C ALA C 246 -21.96 -16.45 -21.94
N ILE C 247 -21.60 -15.55 -22.86
CA ILE C 247 -20.38 -15.69 -23.65
C ILE C 247 -19.51 -14.48 -23.34
N TRP C 248 -18.27 -14.74 -22.92
CA TRP C 248 -17.33 -13.66 -22.64
C TRP C 248 -16.03 -13.88 -23.40
N ASP C 249 -15.43 -12.75 -23.81
CA ASP C 249 -14.11 -12.73 -24.43
C ASP C 249 -13.07 -12.75 -23.31
N ASN C 250 -12.37 -13.90 -23.19
CA ASN C 250 -11.41 -14.12 -22.12
C ASN C 250 -10.12 -13.33 -22.38
N ARG C 251 -9.98 -12.77 -23.59
CA ARG C 251 -8.78 -12.03 -23.96
C ARG C 251 -8.96 -10.54 -23.72
N ALA C 252 -10.13 -10.12 -23.25
CA ALA C 252 -10.39 -8.72 -22.95
C ALA C 252 -11.21 -8.58 -21.66
N THR C 253 -11.19 -9.60 -20.82
CA THR C 253 -11.98 -9.59 -19.59
C THR C 253 -11.24 -10.27 -18.45
N GLN C 254 -11.65 -9.91 -17.23
CA GLN C 254 -11.50 -10.75 -16.06
C GLN C 254 -12.90 -11.06 -15.54
N HIS C 255 -13.03 -12.18 -14.81
CA HIS C 255 -14.28 -12.56 -14.18
C HIS C 255 -14.02 -13.03 -12.75
N ARG C 256 -15.10 -13.17 -11.98
CA ARG C 256 -15.03 -13.57 -10.59
C ARG C 256 -16.37 -14.17 -10.17
N ALA C 257 -16.33 -15.36 -9.57
CA ALA C 257 -17.49 -15.96 -8.93
C ALA C 257 -17.73 -15.28 -7.58
N ILE C 258 -18.95 -15.40 -7.07
CA ILE C 258 -19.29 -14.84 -5.77
C ILE C 258 -19.88 -15.96 -4.90
N ASP C 259 -19.20 -16.26 -3.79
CA ASP C 259 -19.64 -17.31 -2.88
C ASP C 259 -20.62 -16.70 -1.86
N ASP C 260 -21.86 -16.44 -2.32
CA ASP C 260 -22.87 -15.80 -1.49
C ASP C 260 -24.17 -16.60 -1.51
N TYR C 261 -24.05 -17.94 -1.57
CA TYR C 261 -25.21 -18.81 -1.56
C TYR C 261 -25.03 -19.94 -0.54
N ASP C 262 -24.16 -19.71 0.44
CA ASP C 262 -23.91 -20.65 1.52
C ASP C 262 -23.58 -22.02 0.93
N ASP C 263 -24.21 -23.09 1.46
CA ASP C 263 -23.84 -24.45 1.11
C ASP C 263 -24.76 -24.99 0.01
N GLN C 264 -25.51 -24.10 -0.64
CA GLN C 264 -26.47 -24.50 -1.66
C GLN C 264 -25.72 -25.03 -2.88
N HIS C 265 -26.39 -25.93 -3.61
CA HIS C 265 -25.85 -26.49 -4.84
C HIS C 265 -25.92 -25.44 -5.94
N ARG C 266 -24.88 -25.41 -6.78
CA ARG C 266 -24.82 -24.52 -7.93
C ARG C 266 -23.95 -25.19 -9.00
N LEU C 267 -24.60 -25.71 -10.05
CA LEU C 267 -23.90 -26.39 -11.12
C LEU C 267 -24.03 -25.56 -12.39
N MET C 268 -22.91 -25.44 -13.12
CA MET C 268 -22.86 -24.72 -14.38
C MET C 268 -22.20 -25.63 -15.40
N HIS C 269 -22.47 -25.39 -16.70
CA HIS C 269 -21.78 -26.12 -17.76
C HIS C 269 -21.03 -25.13 -18.64
N ARG C 270 -19.72 -25.39 -18.82
CA ARG C 270 -18.81 -24.47 -19.46
C ARG C 270 -18.16 -25.14 -20.67
N VAL C 271 -18.24 -24.48 -21.82
CA VAL C 271 -17.45 -24.84 -22.99
C VAL C 271 -16.50 -23.68 -23.28
N THR C 272 -15.20 -24.00 -23.36
CA THR C 272 -14.16 -22.99 -23.50
C THR C 272 -13.51 -23.11 -24.88
N LEU C 273 -13.43 -21.98 -25.59
CA LEU C 273 -12.87 -21.93 -26.93
C LEU C 273 -11.36 -21.82 -26.85
N MET C 274 -10.69 -22.24 -27.94
CA MET C 274 -9.24 -22.30 -28.00
C MET C 274 -8.68 -20.89 -28.15
N GLY C 275 -7.50 -20.65 -27.59
CA GLY C 275 -6.87 -19.34 -27.60
C GLY C 275 -5.58 -19.31 -28.41
N ASP C 276 -4.77 -18.27 -28.16
CA ASP C 276 -3.51 -18.06 -28.85
C ASP C 276 -2.57 -17.26 -27.95
N VAL C 277 -1.29 -17.26 -28.30
CA VAL C 277 -0.26 -16.62 -27.50
C VAL C 277 -0.38 -15.10 -27.66
N PRO C 278 -0.43 -14.32 -26.56
CA PRO C 278 -0.52 -12.86 -26.64
C PRO C 278 0.73 -12.22 -27.23
N VAL C 279 0.58 -10.98 -27.70
CA VAL C 279 1.70 -10.18 -28.20
C VAL C 279 1.52 -8.75 -27.72
N ASP C 280 2.63 -8.11 -27.31
CA ASP C 280 2.59 -6.74 -26.83
C ASP C 280 2.63 -5.78 -28.02
N VAL C 281 2.70 -4.48 -27.73
CA VAL C 281 2.60 -3.43 -28.74
C VAL C 281 3.83 -3.41 -29.63
N TYR C 282 4.90 -4.11 -29.25
CA TYR C 282 6.12 -4.20 -30.04
C TYR C 282 6.27 -5.58 -30.68
N GLY C 283 5.16 -6.33 -30.77
CA GLY C 283 5.14 -7.60 -31.47
C GLY C 283 5.80 -8.74 -30.69
N GLN C 284 6.17 -8.50 -29.43
CA GLN C 284 6.83 -9.51 -28.62
C GLN C 284 5.78 -10.45 -28.02
N ALA C 285 5.97 -11.75 -28.23
CA ALA C 285 5.07 -12.77 -27.72
C ALA C 285 5.51 -13.23 -26.34
N SER C 286 4.68 -14.04 -25.67
CA SER C 286 4.92 -14.48 -24.31
C SER C 286 6.06 -15.50 -24.26
N ARG C 287 6.71 -15.57 -23.09
CA ARG C 287 7.84 -16.44 -22.86
C ARG C 287 7.42 -17.56 -21.91
N VAL C 288 7.83 -18.79 -22.22
CA VAL C 288 7.58 -19.94 -21.36
C VAL C 288 8.78 -20.15 -20.43
N ILE C 289 8.54 -20.85 -19.31
CA ILE C 289 9.60 -21.30 -18.43
C ILE C 289 9.34 -22.76 -18.06
N SER C 290 8.20 -23.00 -17.39
CA SER C 290 7.79 -24.33 -16.99
C SER C 290 6.56 -24.76 -17.81
N ILE D 8 -47.75 -11.44 2.00
CA ILE D 8 -46.62 -10.70 2.64
C ILE D 8 -45.47 -11.69 2.88
N THR D 9 -44.45 -11.63 2.02
CA THR D 9 -43.29 -12.50 2.11
C THR D 9 -42.02 -11.69 1.89
N VAL D 10 -40.91 -12.18 2.48
CA VAL D 10 -39.62 -11.55 2.37
C VAL D 10 -38.62 -12.60 1.88
N LYS D 11 -37.96 -12.32 0.75
CA LYS D 11 -37.10 -13.30 0.10
C LYS D 11 -35.63 -12.87 0.22
N LYS D 12 -34.76 -13.85 0.47
CA LYS D 12 -33.33 -13.61 0.67
C LYS D 12 -32.66 -13.48 -0.70
N LEU D 13 -31.85 -12.43 -0.88
CA LEU D 13 -31.22 -12.16 -2.17
C LEU D 13 -29.79 -12.69 -2.19
N GLY D 14 -29.06 -12.48 -1.09
CA GLY D 14 -27.72 -13.03 -0.92
C GLY D 14 -27.48 -13.41 0.53
N SER D 15 -26.51 -14.32 0.76
CA SER D 15 -26.27 -14.89 2.07
C SER D 15 -26.08 -13.79 3.12
N ARG D 16 -25.23 -12.81 2.82
CA ARG D 16 -24.78 -11.85 3.82
C ARG D 16 -25.61 -10.56 3.76
N ILE D 17 -26.31 -10.32 2.65
CA ILE D 17 -27.06 -9.08 2.50
C ILE D 17 -28.09 -9.22 1.39
N GLY D 18 -29.20 -8.48 1.55
CA GLY D 18 -30.18 -8.29 0.49
C GLY D 18 -31.46 -9.08 0.74
N ALA D 19 -32.59 -8.39 0.66
CA ALA D 19 -33.91 -9.00 0.76
C ALA D 19 -34.88 -8.30 -0.17
N GLN D 20 -35.79 -9.07 -0.76
CA GLN D 20 -36.89 -8.53 -1.55
C GLN D 20 -38.19 -8.80 -0.82
N ILE D 21 -39.05 -7.77 -0.73
CA ILE D 21 -40.32 -7.87 -0.04
C ILE D 21 -41.45 -7.69 -1.06
N ASP D 22 -42.20 -8.76 -1.30
CA ASP D 22 -43.25 -8.80 -2.32
C ASP D 22 -44.61 -8.89 -1.63
N GLY D 23 -45.62 -8.26 -2.25
CA GLY D 23 -47.00 -8.37 -1.83
C GLY D 23 -47.39 -7.32 -0.80
N VAL D 24 -46.86 -6.10 -0.97
CA VAL D 24 -47.16 -4.99 -0.07
C VAL D 24 -47.20 -3.69 -0.88
N ARG D 25 -48.26 -2.91 -0.70
CA ARG D 25 -48.36 -1.59 -1.29
C ARG D 25 -47.88 -0.55 -0.27
N LEU D 26 -46.79 0.15 -0.60
CA LEU D 26 -46.15 1.09 0.31
C LEU D 26 -46.98 2.38 0.39
N GLY D 27 -46.89 3.04 1.54
CA GLY D 27 -47.62 4.26 1.81
C GLY D 27 -47.95 4.41 3.28
N GLY D 28 -48.53 5.55 3.66
CA GLY D 28 -49.01 5.78 5.02
C GLY D 28 -50.11 4.80 5.40
N ASP D 29 -50.92 4.40 4.42
CA ASP D 29 -51.95 3.39 4.60
C ASP D 29 -51.31 2.01 4.65
N LEU D 30 -50.78 1.65 5.82
CA LEU D 30 -50.19 0.32 6.03
C LEU D 30 -50.46 -0.13 7.45
N ASP D 31 -50.76 -1.43 7.60
CA ASP D 31 -51.00 -2.07 8.89
C ASP D 31 -49.68 -2.04 9.67
N PRO D 32 -49.67 -1.53 10.92
CA PRO D 32 -48.51 -1.63 11.80
C PRO D 32 -47.84 -3.01 11.86
N ALA D 33 -48.63 -4.07 11.71
CA ALA D 33 -48.13 -5.44 11.71
C ALA D 33 -47.20 -5.67 10.52
N ALA D 34 -47.50 -5.02 9.39
CA ALA D 34 -46.66 -5.09 8.20
C ALA D 34 -45.37 -4.30 8.40
N VAL D 35 -45.46 -3.16 9.11
CA VAL D 35 -44.32 -2.30 9.37
C VAL D 35 -43.29 -3.03 10.23
N ASN D 36 -43.77 -3.86 11.17
CA ASN D 36 -42.90 -4.61 12.06
C ASN D 36 -42.20 -5.73 11.29
N GLU D 37 -42.86 -6.26 10.27
CA GLU D 37 -42.30 -7.33 9.44
C GLU D 37 -41.29 -6.75 8.46
N ILE D 38 -41.50 -5.49 8.05
CA ILE D 38 -40.58 -4.79 7.17
C ILE D 38 -39.34 -4.38 7.95
N ARG D 39 -39.52 -3.85 9.16
CA ARG D 39 -38.41 -3.36 9.97
C ARG D 39 -37.50 -4.52 10.37
N ALA D 40 -38.09 -5.69 10.64
CA ALA D 40 -37.34 -6.88 10.99
C ALA D 40 -36.43 -7.28 9.84
N ALA D 41 -36.95 -7.17 8.61
CA ALA D 41 -36.22 -7.53 7.41
C ALA D 41 -35.07 -6.55 7.19
N LEU D 42 -35.37 -5.26 7.36
CA LEU D 42 -34.38 -4.20 7.20
C LEU D 42 -33.22 -4.42 8.16
N LEU D 43 -33.52 -4.86 9.39
CA LEU D 43 -32.50 -5.04 10.41
C LEU D 43 -31.73 -6.32 10.16
N ALA D 44 -32.42 -7.35 9.67
CA ALA D 44 -31.79 -8.64 9.38
C ALA D 44 -30.92 -8.54 8.13
N HIS D 45 -31.49 -7.97 7.05
CA HIS D 45 -30.91 -8.11 5.72
C HIS D 45 -30.31 -6.80 5.21
N LYS D 46 -30.41 -5.73 6.01
CA LYS D 46 -29.62 -4.52 5.85
C LYS D 46 -30.10 -3.68 4.66
N VAL D 47 -30.54 -4.32 3.58
CA VAL D 47 -31.17 -3.60 2.48
C VAL D 47 -32.33 -4.44 1.94
N VAL D 48 -33.46 -3.79 1.72
CA VAL D 48 -34.69 -4.46 1.31
C VAL D 48 -35.25 -3.75 0.09
N PHE D 49 -35.83 -4.54 -0.82
CA PHE D 49 -36.24 -4.06 -2.13
C PHE D 49 -37.71 -4.38 -2.37
N PHE D 50 -38.43 -3.41 -2.96
CA PHE D 50 -39.83 -3.55 -3.30
C PHE D 50 -39.97 -3.41 -4.82
N ARG D 51 -40.45 -4.48 -5.46
CA ARG D 51 -40.73 -4.48 -6.88
C ARG D 51 -42.17 -4.03 -7.11
N GLY D 52 -42.38 -3.27 -8.18
CA GLY D 52 -43.72 -2.91 -8.63
C GLY D 52 -44.44 -2.00 -7.63
N GLN D 53 -43.81 -0.86 -7.33
CA GLN D 53 -44.42 0.19 -6.52
C GLN D 53 -44.65 1.40 -7.41
N HIS D 54 -45.48 1.20 -8.44
CA HIS D 54 -45.71 2.19 -9.49
C HIS D 54 -46.57 3.35 -8.98
N GLN D 55 -47.31 3.10 -7.89
CA GLN D 55 -48.35 4.02 -7.44
C GLN D 55 -47.85 4.88 -6.28
N LEU D 56 -46.55 5.21 -6.27
CA LEU D 56 -46.00 6.07 -5.24
C LEU D 56 -45.69 7.45 -5.82
N ASP D 57 -45.47 8.41 -4.91
CA ASP D 57 -45.03 9.74 -5.28
C ASP D 57 -44.31 10.34 -4.06
N ASP D 58 -43.87 11.60 -4.18
CA ASP D 58 -43.08 12.26 -3.15
C ASP D 58 -43.83 12.29 -1.83
N ALA D 59 -45.15 12.54 -1.88
CA ALA D 59 -45.97 12.69 -0.69
C ALA D 59 -46.19 11.34 0.00
N GLU D 60 -46.39 10.29 -0.79
CA GLU D 60 -46.76 8.97 -0.26
C GLU D 60 -45.50 8.19 0.14
N GLN D 61 -44.34 8.59 -0.36
CA GLN D 61 -43.07 8.01 0.06
C GLN D 61 -42.72 8.53 1.44
N LEU D 62 -42.95 9.83 1.65
CA LEU D 62 -42.64 10.51 2.90
C LEU D 62 -43.53 9.98 4.04
N ALA D 63 -44.79 9.67 3.71
CA ALA D 63 -45.75 9.19 4.68
C ALA D 63 -45.36 7.80 5.17
N PHE D 64 -44.83 6.98 4.25
CA PHE D 64 -44.37 5.64 4.58
C PHE D 64 -43.07 5.68 5.37
N ALA D 65 -42.23 6.68 5.08
CA ALA D 65 -40.97 6.87 5.77
C ALA D 65 -41.21 7.19 7.24
N GLY D 66 -42.29 7.92 7.53
CA GLY D 66 -42.66 8.28 8.89
C GLY D 66 -43.06 7.08 9.74
N LEU D 67 -43.45 5.98 9.08
CA LEU D 67 -43.84 4.76 9.77
C LEU D 67 -42.60 4.05 10.30
N LEU D 68 -41.45 4.27 9.67
CA LEU D 68 -40.19 3.67 10.09
C LEU D 68 -39.56 4.52 11.20
N GLY D 69 -39.55 5.84 11.01
CA GLY D 69 -38.90 6.75 11.95
C GLY D 69 -39.30 8.21 11.72
N THR D 70 -38.29 9.09 11.78
CA THR D 70 -38.51 10.53 11.77
C THR D 70 -37.74 11.15 10.60
N PRO D 71 -38.41 11.45 9.47
CA PRO D 71 -37.76 12.13 8.35
C PRO D 71 -37.09 13.45 8.75
N ILE D 72 -36.13 13.90 7.93
CA ILE D 72 -35.35 15.09 8.20
C ILE D 72 -36.16 16.33 7.77
N ASN D 98 -18.82 8.27 -8.12
CA ASN D 98 -19.28 8.04 -6.72
C ASN D 98 -18.50 6.86 -6.15
N ARG D 99 -18.34 6.83 -4.81
CA ARG D 99 -17.51 5.83 -4.15
C ARG D 99 -18.10 5.45 -2.80
N TRP D 100 -17.59 4.33 -2.27
CA TRP D 100 -18.17 3.65 -1.12
C TRP D 100 -18.26 4.58 0.09
N HIS D 101 -19.48 4.82 0.55
CA HIS D 101 -19.71 5.70 1.68
C HIS D 101 -20.86 5.18 2.54
N THR D 102 -20.86 5.60 3.81
CA THR D 102 -22.05 5.67 4.63
C THR D 102 -22.49 7.13 4.62
N ASP D 103 -23.81 7.37 4.51
CA ASP D 103 -24.32 8.71 4.29
C ASP D 103 -24.05 9.58 5.52
N VAL D 104 -23.36 10.71 5.29
CA VAL D 104 -23.32 11.85 6.20
C VAL D 104 -22.60 11.46 7.50
N THR D 105 -21.52 10.66 7.38
CA THR D 105 -20.78 10.22 8.55
C THR D 105 -19.81 11.31 9.03
N PHE D 106 -19.68 12.39 8.26
CA PHE D 106 -18.98 13.58 8.75
C PHE D 106 -19.82 14.23 9.85
N ALA D 107 -21.14 13.97 9.84
CA ALA D 107 -22.02 14.34 10.94
C ALA D 107 -21.94 13.28 12.03
N ALA D 108 -22.39 13.64 13.24
CA ALA D 108 -22.30 12.77 14.40
C ALA D 108 -23.57 11.93 14.55
N ASN D 109 -24.73 12.60 14.52
CA ASN D 109 -26.01 11.92 14.57
C ASN D 109 -26.50 11.68 13.14
N TYR D 110 -25.77 10.83 12.41
CA TYR D 110 -26.00 10.63 10.99
C TYR D 110 -27.20 9.70 10.82
N PRO D 111 -27.80 9.64 9.60
CA PRO D 111 -29.08 8.94 9.38
C PRO D 111 -29.12 7.45 9.69
N ALA D 112 -30.31 6.96 10.07
CA ALA D 112 -30.53 5.57 10.44
C ALA D 112 -30.79 4.73 9.19
N ALA D 113 -31.68 5.25 8.32
CA ALA D 113 -32.06 4.54 7.11
C ALA D 113 -32.59 5.55 6.08
N SER D 114 -32.69 5.10 4.83
CA SER D 114 -33.23 5.91 3.75
C SER D 114 -34.15 5.04 2.89
N VAL D 115 -35.25 5.65 2.41
CA VAL D 115 -36.10 5.03 1.42
C VAL D 115 -35.85 5.74 0.09
N LEU D 116 -35.34 4.98 -0.89
CA LEU D 116 -35.00 5.52 -2.19
C LEU D 116 -35.92 4.91 -3.25
N ARG D 117 -36.37 5.74 -4.19
CA ARG D 117 -37.33 5.34 -5.21
C ARG D 117 -36.83 5.80 -6.58
N ALA D 118 -37.07 4.96 -7.59
CA ALA D 118 -36.79 5.30 -8.97
C ALA D 118 -37.96 6.10 -9.55
N VAL D 119 -37.66 7.27 -10.11
CA VAL D 119 -38.65 8.09 -10.80
C VAL D 119 -38.39 8.05 -12.31
N SER D 120 -37.12 8.20 -12.70
CA SER D 120 -36.73 8.18 -14.10
C SER D 120 -35.33 7.61 -14.25
N LEU D 121 -35.23 6.44 -14.90
CA LEU D 121 -33.98 5.70 -15.00
C LEU D 121 -33.41 5.84 -16.41
N PRO D 122 -32.06 5.78 -16.57
CA PRO D 122 -31.45 5.63 -17.89
C PRO D 122 -31.84 4.33 -18.60
N SER D 123 -31.51 4.25 -19.89
CA SER D 123 -31.85 3.11 -20.71
C SER D 123 -30.98 1.89 -20.36
N TYR D 124 -29.77 2.15 -19.85
CA TYR D 124 -28.86 1.07 -19.47
C TYR D 124 -28.01 1.50 -18.28
N GLY D 125 -27.64 0.51 -17.44
CA GLY D 125 -26.84 0.74 -16.25
C GLY D 125 -27.63 1.44 -15.15
N GLY D 126 -26.90 2.13 -14.27
CA GLY D 126 -27.51 2.93 -13.21
C GLY D 126 -27.70 2.15 -11.91
N SER D 127 -27.13 0.95 -11.83
CA SER D 127 -27.26 0.08 -10.67
C SER D 127 -26.63 0.71 -9.44
N THR D 128 -26.92 0.12 -8.26
CA THR D 128 -26.36 0.58 -7.00
C THR D 128 -25.88 -0.61 -6.18
N LEU D 129 -24.79 -0.39 -5.44
CA LEU D 129 -24.17 -1.40 -4.60
C LEU D 129 -24.43 -1.07 -3.13
N TRP D 130 -24.70 -2.12 -2.34
CA TRP D 130 -24.71 -2.01 -0.89
C TRP D 130 -23.78 -3.06 -0.28
N ALA D 131 -23.16 -2.71 0.85
CA ALA D 131 -22.29 -3.61 1.60
C ALA D 131 -22.77 -3.71 3.04
N ASN D 132 -22.59 -4.89 3.64
CA ASN D 132 -23.04 -5.18 4.99
C ASN D 132 -21.84 -5.05 5.95
N THR D 133 -21.82 -3.98 6.75
CA THR D 133 -20.68 -3.68 7.60
C THR D 133 -20.75 -4.44 8.92
N ALA D 134 -21.92 -4.97 9.26
CA ALA D 134 -22.05 -5.87 10.40
C ALA D 134 -21.38 -7.20 10.08
N ALA D 135 -21.77 -7.80 8.95
CA ALA D 135 -21.16 -9.04 8.46
C ALA D 135 -19.66 -8.85 8.28
N ALA D 136 -19.25 -7.65 7.86
CA ALA D 136 -17.84 -7.32 7.72
C ALA D 136 -17.13 -7.52 9.05
N TYR D 137 -17.67 -6.91 10.11
CA TYR D 137 -17.04 -6.98 11.43
C TYR D 137 -16.93 -8.43 11.90
N ALA D 138 -18.01 -9.20 11.71
CA ALA D 138 -18.06 -10.58 12.18
C ALA D 138 -16.99 -11.44 11.50
N GLU D 139 -16.71 -11.14 10.22
CA GLU D 139 -15.77 -11.92 9.43
C GLU D 139 -14.32 -11.61 9.81
N LEU D 140 -14.09 -10.48 10.48
CA LEU D 140 -12.74 -10.05 10.80
C LEU D 140 -12.02 -11.13 11.60
N PRO D 141 -10.74 -11.44 11.27
CA PRO D 141 -9.86 -12.14 12.21
C PRO D 141 -9.80 -11.39 13.54
N GLU D 142 -9.53 -12.14 14.61
CA GLU D 142 -9.62 -11.61 15.97
C GLU D 142 -8.63 -10.46 16.18
N PRO D 143 -7.40 -10.50 15.61
CA PRO D 143 -6.48 -9.36 15.73
C PRO D 143 -7.03 -8.05 15.16
N LEU D 144 -7.79 -8.15 14.06
CA LEU D 144 -8.35 -6.98 13.40
C LEU D 144 -9.57 -6.46 14.17
N LYS D 145 -10.21 -7.33 14.96
CA LYS D 145 -11.25 -6.92 15.88
C LYS D 145 -10.63 -6.09 17.01
N CYS D 146 -9.52 -6.57 17.57
CA CYS D 146 -8.76 -5.84 18.58
C CYS D 146 -8.54 -4.42 18.10
N LEU D 147 -8.02 -4.29 16.87
CA LEU D 147 -7.69 -3.01 16.27
C LEU D 147 -8.94 -2.15 16.16
N THR D 148 -9.97 -2.69 15.48
CA THR D 148 -11.10 -1.91 15.02
C THR D 148 -11.99 -1.50 16.20
N GLU D 149 -12.05 -2.35 17.23
CA GLU D 149 -12.82 -2.06 18.43
C GLU D 149 -12.25 -0.84 19.15
N ASN D 150 -10.92 -0.68 19.06
CA ASN D 150 -10.21 0.37 19.76
C ASN D 150 -9.88 1.54 18.83
N LEU D 151 -10.18 1.38 17.53
CA LEU D 151 -9.80 2.37 16.53
C LEU D 151 -10.89 3.42 16.41
N TRP D 152 -10.48 4.65 16.09
CA TRP D 152 -11.36 5.79 15.89
C TRP D 152 -10.97 6.51 14.61
N ALA D 153 -11.97 6.98 13.86
CA ALA D 153 -11.73 7.62 12.58
C ALA D 153 -12.26 9.05 12.62
N LEU D 154 -11.52 9.96 11.99
CA LEU D 154 -11.98 11.33 11.75
C LEU D 154 -12.69 11.38 10.40
N HIS D 155 -14.01 11.59 10.44
CA HIS D 155 -14.82 11.73 9.23
C HIS D 155 -15.00 13.21 8.92
N THR D 156 -14.97 13.54 7.62
CA THR D 156 -15.13 14.92 7.17
C THR D 156 -15.59 14.95 5.72
N ASN D 157 -15.99 16.15 5.25
CA ASN D 157 -16.38 16.37 3.87
C ASN D 157 -15.30 17.20 3.17
N ARG D 158 -14.45 16.51 2.39
CA ARG D 158 -13.34 17.12 1.68
C ARG D 158 -12.42 17.82 2.69
N PHE D 183 -17.92 19.91 7.95
CA PHE D 183 -17.99 19.37 9.33
C PHE D 183 -16.87 18.35 9.54
N ARG D 184 -16.56 18.07 10.81
CA ARG D 184 -15.58 17.08 11.20
C ARG D 184 -16.11 16.34 12.44
N THR D 185 -15.90 15.01 12.47
CA THR D 185 -16.43 14.19 13.55
C THR D 185 -15.57 12.94 13.74
N GLU D 186 -15.14 12.71 14.99
CA GLU D 186 -14.41 11.50 15.35
C GLU D 186 -15.41 10.42 15.74
N HIS D 187 -15.52 9.39 14.88
CA HIS D 187 -16.40 8.26 15.11
C HIS D 187 -15.58 7.05 15.52
N PRO D 188 -16.19 6.06 16.21
CA PRO D 188 -15.55 4.77 16.42
C PRO D 188 -15.62 3.96 15.14
N VAL D 189 -14.55 3.19 14.85
CA VAL D 189 -14.52 2.35 13.66
C VAL D 189 -15.51 1.21 13.83
N VAL D 190 -15.83 0.85 15.09
CA VAL D 190 -16.86 -0.14 15.37
C VAL D 190 -17.93 0.51 16.25
N ARG D 191 -19.16 0.56 15.75
CA ARG D 191 -20.29 1.02 16.55
C ARG D 191 -21.17 -0.16 16.91
N VAL D 192 -21.84 -0.06 18.07
CA VAL D 192 -22.84 -1.03 18.49
C VAL D 192 -24.20 -0.52 18.00
N HIS D 193 -24.90 -1.37 17.24
CA HIS D 193 -26.15 -0.98 16.61
C HIS D 193 -27.24 -0.87 17.68
N PRO D 194 -27.97 0.29 17.75
CA PRO D 194 -28.93 0.53 18.82
C PRO D 194 -30.03 -0.52 18.98
N GLU D 195 -30.53 -1.03 17.85
CA GLU D 195 -31.65 -1.97 17.84
C GLU D 195 -31.14 -3.40 17.98
N THR D 196 -30.33 -3.84 17.01
CA THR D 196 -29.91 -5.24 16.91
C THR D 196 -28.83 -5.55 17.93
N GLY D 197 -28.06 -4.53 18.33
CA GLY D 197 -26.94 -4.72 19.24
C GLY D 197 -25.70 -5.27 18.54
N GLU D 198 -25.77 -5.40 17.20
CA GLU D 198 -24.66 -5.93 16.41
C GLU D 198 -23.56 -4.88 16.30
N ARG D 199 -22.32 -5.35 16.25
CA ARG D 199 -21.16 -4.50 16.01
C ARG D 199 -20.96 -4.35 14.50
N THR D 200 -20.88 -3.10 14.04
CA THR D 200 -20.74 -2.82 12.62
C THR D 200 -19.52 -1.93 12.41
N LEU D 201 -18.77 -2.20 11.33
CA LEU D 201 -17.68 -1.33 10.91
C LEU D 201 -18.26 -0.02 10.39
N LEU D 202 -17.61 1.09 10.74
CA LEU D 202 -18.02 2.41 10.32
C LEU D 202 -16.82 3.11 9.70
N ALA D 203 -16.88 3.28 8.36
CA ALA D 203 -15.81 3.91 7.61
C ALA D 203 -16.41 4.63 6.41
N GLY D 204 -15.94 4.31 5.19
CA GLY D 204 -16.40 4.97 3.98
C GLY D 204 -15.51 6.15 3.61
N ASP D 205 -15.87 6.84 2.52
CA ASP D 205 -14.94 7.76 1.86
C ASP D 205 -14.90 9.12 2.56
N PHE D 206 -15.74 9.32 3.59
CA PHE D 206 -15.66 10.53 4.39
C PHE D 206 -14.54 10.43 5.42
N VAL D 207 -14.00 9.22 5.62
CA VAL D 207 -12.87 9.01 6.53
C VAL D 207 -11.64 9.69 5.94
N ARG D 208 -11.07 10.64 6.70
CA ARG D 208 -9.85 11.32 6.31
C ARG D 208 -8.64 10.64 6.95
N SER D 209 -8.76 10.30 8.24
CA SER D 209 -7.66 9.76 9.01
C SER D 209 -8.18 8.95 10.20
N PHE D 210 -7.29 8.17 10.82
CA PHE D 210 -7.57 7.48 12.07
C PHE D 210 -6.83 8.18 13.21
N VAL D 211 -7.50 8.29 14.36
CA VAL D 211 -6.99 9.06 15.49
C VAL D 211 -5.74 8.36 16.04
N GLY D 212 -4.62 9.09 16.09
CA GLY D 212 -3.38 8.58 16.67
C GLY D 212 -2.39 8.08 15.62
N LEU D 213 -2.88 7.80 14.41
CA LEU D 213 -2.06 7.26 13.33
C LEU D 213 -1.72 8.37 12.35
N ASP D 214 -0.58 8.21 11.65
CA ASP D 214 -0.16 9.16 10.64
C ASP D 214 -0.94 8.89 9.35
N SER D 215 -0.72 9.75 8.35
CA SER D 215 -1.47 9.70 7.09
C SER D 215 -1.31 8.35 6.40
N HIS D 216 -0.05 7.94 6.20
CA HIS D 216 0.25 6.71 5.47
C HIS D 216 -0.49 5.53 6.09
N GLU D 217 -0.33 5.35 7.41
CA GLU D 217 -0.90 4.21 8.12
C GLU D 217 -2.43 4.25 8.04
N SER D 218 -3.01 5.43 8.29
CA SER D 218 -4.44 5.62 8.17
C SER D 218 -4.92 5.14 6.81
N ARG D 219 -4.29 5.68 5.76
CA ARG D 219 -4.64 5.40 4.38
C ARG D 219 -4.56 3.90 4.12
N VAL D 220 -3.48 3.28 4.62
CA VAL D 220 -3.13 1.90 4.30
C VAL D 220 -4.04 0.94 5.07
N LEU D 221 -4.42 1.30 6.31
CA LEU D 221 -5.33 0.50 7.11
C LEU D 221 -6.76 0.66 6.59
N PHE D 222 -7.09 1.87 6.13
CA PHE D 222 -8.42 2.19 5.63
C PHE D 222 -8.78 1.26 4.47
N GLU D 223 -7.84 1.05 3.56
CA GLU D 223 -8.08 0.22 2.39
C GLU D 223 -8.19 -1.25 2.79
N VAL D 224 -7.49 -1.65 3.86
CA VAL D 224 -7.60 -2.99 4.41
C VAL D 224 -9.02 -3.24 4.88
N LEU D 225 -9.62 -2.24 5.56
CA LEU D 225 -10.99 -2.35 6.06
C LEU D 225 -11.97 -2.36 4.89
N GLN D 226 -11.85 -1.37 4.00
CA GLN D 226 -12.79 -1.21 2.89
C GLN D 226 -12.74 -2.42 1.98
N ARG D 227 -11.56 -3.02 1.82
CA ARG D 227 -11.39 -4.19 0.94
C ARG D 227 -12.27 -5.33 1.44
N ARG D 228 -12.35 -5.51 2.76
CA ARG D 228 -13.16 -6.55 3.35
C ARG D 228 -14.64 -6.17 3.25
N ILE D 229 -14.95 -4.92 3.63
CA ILE D 229 -16.32 -4.42 3.63
C ILE D 229 -16.93 -4.60 2.24
N THR D 230 -16.17 -4.24 1.20
CA THR D 230 -16.70 -4.15 -0.15
C THR D 230 -16.40 -5.43 -0.94
N MET D 231 -15.91 -6.46 -0.24
CA MET D 231 -15.72 -7.77 -0.83
C MET D 231 -17.05 -8.21 -1.44
N PRO D 232 -17.10 -8.65 -2.72
CA PRO D 232 -18.35 -9.03 -3.39
C PRO D 232 -19.32 -9.92 -2.61
N GLU D 233 -18.79 -10.86 -1.82
CA GLU D 233 -19.62 -11.79 -1.06
C GLU D 233 -20.42 -11.03 0.00
N ASN D 234 -20.00 -9.79 0.30
CA ASN D 234 -20.57 -9.02 1.39
C ASN D 234 -21.44 -7.89 0.83
N THR D 235 -21.69 -7.90 -0.48
CA THR D 235 -22.37 -6.80 -1.15
C THR D 235 -23.55 -7.32 -1.98
N ILE D 236 -24.36 -6.37 -2.45
CA ILE D 236 -25.42 -6.65 -3.40
C ILE D 236 -25.44 -5.52 -4.42
N ARG D 237 -25.65 -5.90 -5.69
CA ARG D 237 -25.75 -4.95 -6.79
C ARG D 237 -27.18 -5.01 -7.34
N TRP D 238 -27.90 -3.88 -7.25
CA TRP D 238 -29.31 -3.86 -7.63
C TRP D 238 -29.45 -3.21 -9.00
N ASN D 239 -30.14 -3.92 -9.90
CA ASN D 239 -30.51 -3.37 -11.21
C ASN D 239 -31.86 -2.66 -11.06
N TRP D 240 -31.83 -1.34 -11.19
CA TRP D 240 -33.02 -0.52 -10.99
C TRP D 240 -33.99 -0.70 -12.15
N ALA D 241 -35.25 -1.00 -11.79
CA ALA D 241 -36.36 -1.03 -12.73
C ALA D 241 -37.37 0.04 -12.35
N PRO D 242 -38.29 0.44 -13.25
CA PRO D 242 -39.37 1.37 -12.91
C PRO D 242 -40.20 0.94 -11.70
N GLY D 243 -40.50 1.89 -10.82
CA GLY D 243 -41.33 1.65 -9.65
C GLY D 243 -40.66 0.74 -8.63
N ASP D 244 -39.32 0.83 -8.52
CA ASP D 244 -38.57 0.09 -7.51
C ASP D 244 -38.27 1.01 -6.34
N VAL D 245 -38.33 0.44 -5.12
CA VAL D 245 -38.04 1.17 -3.90
C VAL D 245 -37.09 0.33 -3.05
N ALA D 246 -35.99 0.96 -2.60
CA ALA D 246 -35.05 0.33 -1.69
C ALA D 246 -35.06 1.06 -0.35
N ILE D 247 -35.05 0.29 0.74
CA ILE D 247 -34.76 0.82 2.07
C ILE D 247 -33.51 0.12 2.57
N TRP D 248 -32.53 0.91 3.06
CA TRP D 248 -31.30 0.37 3.61
C TRP D 248 -31.07 0.94 5.01
N ASP D 249 -30.53 0.08 5.89
CA ASP D 249 -30.10 0.49 7.22
C ASP D 249 -28.73 1.14 7.09
N ASN D 250 -28.68 2.47 7.22
CA ASN D 250 -27.47 3.26 7.00
C ASN D 250 -26.47 3.03 8.14
N ARG D 251 -26.94 2.46 9.27
CA ARG D 251 -26.09 2.23 10.43
C ARG D 251 -25.29 0.95 10.28
N ALA D 252 -25.68 0.08 9.33
CA ALA D 252 -25.06 -1.24 9.19
C ALA D 252 -24.62 -1.49 7.75
N THR D 253 -24.51 -0.42 6.95
CA THR D 253 -24.20 -0.58 5.54
C THR D 253 -23.35 0.57 5.01
N GLN D 254 -22.73 0.31 3.86
CA GLN D 254 -22.25 1.34 2.94
C GLN D 254 -22.98 1.17 1.62
N HIS D 255 -22.96 2.22 0.79
CA HIS D 255 -23.53 2.13 -0.56
C HIS D 255 -22.67 2.92 -1.54
N ARG D 256 -22.79 2.57 -2.82
CA ARG D 256 -22.01 3.18 -3.88
C ARG D 256 -22.88 3.27 -5.14
N ALA D 257 -22.99 4.48 -5.71
CA ALA D 257 -23.60 4.65 -7.01
C ALA D 257 -22.61 4.20 -8.08
N ILE D 258 -23.13 3.68 -9.20
CA ILE D 258 -22.30 3.28 -10.32
C ILE D 258 -22.60 4.22 -11.49
N ASP D 259 -21.63 5.09 -11.79
CA ASP D 259 -21.74 6.05 -12.88
C ASP D 259 -21.32 5.37 -14.18
N ASP D 260 -22.21 4.52 -14.71
CA ASP D 260 -21.95 3.80 -15.95
C ASP D 260 -23.12 4.01 -16.91
N TYR D 261 -23.43 5.27 -17.19
CA TYR D 261 -24.47 5.60 -18.16
C TYR D 261 -24.09 6.88 -18.92
N ASP D 262 -22.79 7.08 -19.13
CA ASP D 262 -22.28 8.20 -19.91
C ASP D 262 -22.93 9.50 -19.41
N ASP D 263 -23.59 10.24 -20.31
CA ASP D 263 -24.25 11.49 -19.96
C ASP D 263 -25.76 11.29 -20.02
N GLN D 264 -26.26 10.29 -19.28
CA GLN D 264 -27.69 10.05 -19.16
C GLN D 264 -28.14 10.48 -17.76
N HIS D 265 -29.46 10.43 -17.54
CA HIS D 265 -30.10 11.12 -16.43
C HIS D 265 -30.77 10.09 -15.52
N ARG D 266 -30.29 10.02 -14.27
CA ARG D 266 -30.83 9.11 -13.28
C ARG D 266 -31.36 9.92 -12.11
N LEU D 267 -32.65 10.27 -12.18
CA LEU D 267 -33.31 10.98 -11.09
C LEU D 267 -33.85 9.96 -10.09
N MET D 268 -33.58 10.21 -8.80
CA MET D 268 -33.99 9.34 -7.71
C MET D 268 -34.55 10.22 -6.60
N HIS D 269 -35.64 9.79 -5.96
CA HIS D 269 -36.17 10.51 -4.81
C HIS D 269 -35.86 9.75 -3.53
N ARG D 270 -35.07 10.36 -2.65
CA ARG D 270 -34.62 9.77 -1.40
C ARG D 270 -35.39 10.41 -0.24
N VAL D 271 -35.78 9.59 0.74
CA VAL D 271 -36.30 10.07 2.00
C VAL D 271 -35.46 9.46 3.13
N THR D 272 -34.75 10.34 3.85
CA THR D 272 -33.78 9.92 4.86
C THR D 272 -34.38 10.10 6.25
N LEU D 273 -34.04 9.20 7.17
CA LEU D 273 -34.60 9.17 8.50
C LEU D 273 -33.55 9.60 9.53
N MET D 274 -34.03 9.98 10.72
CA MET D 274 -33.21 10.47 11.81
C MET D 274 -32.52 9.29 12.48
N GLY D 275 -31.22 9.45 12.78
CA GLY D 275 -30.44 8.42 13.46
C GLY D 275 -29.62 8.98 14.62
N ASP D 276 -29.47 8.17 15.67
CA ASP D 276 -28.85 8.61 16.91
C ASP D 276 -27.33 8.56 16.79
N VAL D 277 -26.64 9.06 17.82
CA VAL D 277 -25.19 9.12 17.86
C VAL D 277 -24.63 7.71 18.07
N PRO D 278 -23.58 7.29 17.32
CA PRO D 278 -22.97 5.98 17.53
C PRO D 278 -22.27 5.84 18.88
N VAL D 279 -22.14 4.60 19.35
CA VAL D 279 -21.34 4.29 20.52
C VAL D 279 -20.45 3.09 20.21
N ASP D 280 -19.24 3.08 20.77
CA ASP D 280 -18.32 1.97 20.61
C ASP D 280 -18.69 0.88 21.61
N VAL D 281 -17.93 -0.22 21.59
CA VAL D 281 -18.21 -1.37 22.43
C VAL D 281 -18.03 -1.01 23.91
N TYR D 282 -17.25 0.04 24.17
CA TYR D 282 -16.99 0.49 25.53
C TYR D 282 -18.07 1.48 26.00
N GLY D 283 -18.92 1.93 25.07
CA GLY D 283 -20.02 2.82 25.40
C GLY D 283 -19.69 4.28 25.07
N GLN D 284 -18.42 4.56 24.73
CA GLN D 284 -17.98 5.90 24.39
C GLN D 284 -18.69 6.35 23.11
N ALA D 285 -19.26 7.56 23.15
CA ALA D 285 -20.01 8.12 22.04
C ALA D 285 -19.09 8.96 21.16
N SER D 286 -19.59 9.34 19.97
CA SER D 286 -18.82 10.10 19.00
C SER D 286 -18.57 11.52 19.52
N ARG D 287 -17.40 12.06 19.15
CA ARG D 287 -17.00 13.40 19.54
C ARG D 287 -17.12 14.32 18.32
N VAL D 288 -17.76 15.48 18.51
CA VAL D 288 -17.91 16.45 17.45
C VAL D 288 -16.74 17.43 17.53
N ILE D 289 -16.18 17.77 16.35
CA ILE D 289 -15.13 18.77 16.25
C ILE D 289 -15.74 20.05 15.68
N SER D 290 -16.33 19.96 14.48
CA SER D 290 -16.92 21.10 13.80
C SER D 290 -18.42 20.87 13.59
N GLY D 291 -19.23 21.47 14.47
CA GLY D 291 -20.68 21.35 14.40
C GLY D 291 -21.27 22.35 13.40
#